data_3TUE
#
_entry.id   3TUE
#
_cell.length_a   112.977
_cell.length_b   212.385
_cell.length_c   90.948
_cell.angle_alpha   90.00
_cell.angle_beta   90.00
_cell.angle_gamma   90.00
#
_symmetry.space_group_name_H-M   'C 2 2 21'
#
loop_
_entity.id
_entity.type
_entity.pdbx_description
1 polymer 'Tryparedoxin peroxidase'
2 water water
#
_entity_poly.entity_id   1
_entity_poly.type   'polypeptide(L)'
_entity_poly.pdbx_seq_one_letter_code
;MGSSHHHHHHSSGLVPRGSHMSCGNAKINSPAPSFEEVALMPNGSFKKISLSSYKGKWVVLFFYPLDFTFVCPTEVIAFS
DSVSRFNELNCEVLACSIDSEYAHLQWTLQDRKKGGLGTMAIPILADKTKNIARSYGVLEESQGVAYRGLFIIDPHGMLR
QITVNDMPVGRSVEEVLRLLEAFQFVEKHGEVCPANWKKGDPGMKPEPNASVEGYFSKQ
;
_entity_poly.pdbx_strand_id   A,B,C,D,E
#
# COMPACT_ATOMS: atom_id res chain seq x y z
N GLY A 24 0.54 22.07 17.45
CA GLY A 24 1.33 21.44 18.53
C GLY A 24 2.48 20.60 18.00
N ASN A 25 3.71 20.98 18.35
CA ASN A 25 4.91 20.22 18.04
C ASN A 25 5.21 19.14 19.08
N ALA A 26 4.49 19.21 20.20
CA ALA A 26 4.79 18.40 21.38
C ALA A 26 4.46 16.92 21.18
N LYS A 27 5.49 16.11 20.92
CA LYS A 27 5.29 14.68 20.68
C LYS A 27 6.14 13.82 21.59
N ILE A 28 5.54 12.76 22.12
CA ILE A 28 6.25 11.81 22.98
C ILE A 28 7.41 11.19 22.21
N ASN A 29 8.56 11.11 22.89
CA ASN A 29 9.82 10.57 22.33
C ASN A 29 10.42 11.39 21.18
N SER A 30 9.97 12.64 21.04
CA SER A 30 10.62 13.62 20.18
C SER A 30 11.21 14.68 21.09
N PRO A 31 12.23 15.42 20.60
CA PRO A 31 12.75 16.50 21.45
C PRO A 31 11.64 17.48 21.78
N ALA A 32 11.49 17.80 23.07
CA ALA A 32 10.51 18.80 23.49
C ALA A 32 10.79 20.14 22.80
N PRO A 33 9.72 20.84 22.37
CA PRO A 33 9.90 22.12 21.68
C PRO A 33 10.84 23.09 22.41
N SER A 34 11.78 23.67 21.67
CA SER A 34 12.77 24.60 22.23
C SER A 34 12.14 25.91 22.64
N PHE A 35 12.78 26.59 23.58
CA PHE A 35 12.42 27.97 23.90
C PHE A 35 13.57 28.65 24.63
N GLU A 36 13.66 29.96 24.44
CA GLU A 36 14.49 30.81 25.26
C GLU A 36 13.66 32.05 25.54
N GLU A 37 13.34 32.27 26.81
CA GLU A 37 12.44 33.34 27.20
C GLU A 37 12.76 33.90 28.58
N VAL A 38 12.37 35.16 28.78
CA VAL A 38 12.49 35.81 30.09
C VAL A 38 11.64 35.07 31.11
N ALA A 39 12.19 34.95 32.33
CA ALA A 39 11.46 34.36 33.43
C ALA A 39 11.70 35.13 34.72
N LEU A 40 10.72 35.11 35.61
CA LEU A 40 10.90 35.63 36.95
C LEU A 40 11.60 34.56 37.79
N MET A 41 12.81 34.88 38.21
CA MET A 41 13.60 33.98 39.06
C MET A 41 13.09 34.00 40.49
N PRO A 42 13.33 32.90 41.24
CA PRO A 42 12.93 32.84 42.65
C PRO A 42 13.44 34.02 43.49
N ASN A 43 14.59 34.57 43.13
CA ASN A 43 15.16 35.70 43.89
C ASN A 43 14.52 37.05 43.55
N GLY A 44 13.72 37.09 42.50
CA GLY A 44 13.02 38.31 42.11
C GLY A 44 13.58 38.99 40.88
N SER A 45 14.64 38.43 40.30
CA SER A 45 15.24 39.01 39.10
C SER A 45 14.65 38.42 37.82
N PHE A 46 14.85 39.13 36.71
CA PHE A 46 14.49 38.65 35.40
C PHE A 46 15.70 37.98 34.78
N LYS A 47 15.47 36.87 34.07
CA LYS A 47 16.54 36.12 33.44
C LYS A 47 16.03 35.34 32.24
N LYS A 48 16.84 35.32 31.18
CA LYS A 48 16.57 34.50 30.02
C LYS A 48 16.83 33.04 30.39
N ILE A 49 15.88 32.17 30.05
CA ILE A 49 16.01 30.74 30.33
C ILE A 49 15.73 29.94 29.08
N SER A 50 16.65 29.05 28.73
CA SER A 50 16.45 28.15 27.60
C SER A 50 16.17 26.76 28.12
N LEU A 51 15.38 25.99 27.36
CA LEU A 51 15.09 24.60 27.69
C LEU A 51 16.36 23.77 27.73
N SER A 52 17.23 23.98 26.75
CA SER A 52 18.46 23.22 26.63
C SER A 52 19.42 23.39 27.81
N SER A 53 19.27 24.48 28.55
CA SER A 53 20.09 24.70 29.74
C SER A 53 19.79 23.68 30.84
N TYR A 54 18.70 22.93 30.67
CA TYR A 54 18.31 21.90 31.62
C TYR A 54 18.79 20.52 31.23
N LYS A 55 19.47 20.42 30.09
CA LYS A 55 19.99 19.15 29.60
C LYS A 55 20.81 18.52 30.73
N GLY A 56 20.54 17.25 31.01
CA GLY A 56 21.19 16.55 32.11
C GLY A 56 20.28 16.46 33.32
N LYS A 57 19.18 17.20 33.29
CA LYS A 57 18.16 17.11 34.33
C LYS A 57 16.76 16.85 33.75
N TRP A 58 15.91 16.21 34.56
CA TRP A 58 14.50 16.12 34.24
C TRP A 58 13.87 17.47 34.46
N VAL A 59 12.83 17.75 33.68
CA VAL A 59 12.11 19.02 33.80
C VAL A 59 10.61 18.78 33.83
N VAL A 60 9.93 19.39 34.80
CA VAL A 60 8.50 19.48 34.76
C VAL A 60 8.15 20.91 34.36
N LEU A 61 7.73 21.06 33.10
CA LEU A 61 7.26 22.34 32.59
C LEU A 61 5.75 22.35 32.66
N PHE A 62 5.19 23.34 33.34
CA PHE A 62 3.74 23.43 33.43
C PHE A 62 3.19 24.83 33.21
N PHE A 63 2.08 24.88 32.47
CA PHE A 63 1.44 26.12 32.08
C PHE A 63 0.25 26.38 32.99
N TYR A 64 -0.11 27.65 33.13
CA TYR A 64 -1.37 28.05 33.74
C TYR A 64 -1.93 29.25 32.97
N PRO A 65 -3.25 29.49 33.06
CA PRO A 65 -3.89 30.50 32.21
C PRO A 65 -3.45 31.94 32.48
N LEU A 66 -3.77 32.48 33.67
CA LEU A 66 -3.55 33.89 33.94
C LEU A 66 -3.13 34.19 35.37
N ASP A 67 -2.28 35.21 35.52
CA ASP A 67 -1.96 35.76 36.82
C ASP A 67 -3.17 36.50 37.38
N PHE A 68 -3.22 36.62 38.71
CA PHE A 68 -4.24 37.42 39.40
C PHE A 68 -5.67 36.91 39.26
N THR A 69 -5.82 35.65 38.82
CA THR A 69 -7.14 35.07 38.64
C THR A 69 -7.93 35.03 39.95
N PHE A 70 -9.27 34.94 39.81
CA PHE A 70 -10.18 34.76 40.94
C PHE A 70 -10.18 33.31 41.47
N VAL A 71 -9.38 32.43 40.86
CA VAL A 71 -9.04 31.11 41.45
C VAL A 71 -7.83 31.30 42.37
N CYS A 72 -8.07 31.19 43.68
CA CYS A 72 -7.01 31.20 44.68
C CYS A 72 -5.92 30.23 44.18
N PRO A 73 -4.72 30.78 43.87
CA PRO A 73 -3.63 30.10 43.11
C PRO A 73 -2.92 28.92 43.80
N THR A 74 -3.70 28.02 44.39
CA THR A 74 -3.15 26.91 45.17
C THR A 74 -2.25 26.00 44.33
N GLU A 75 -2.62 25.81 43.07
CA GLU A 75 -1.93 24.88 42.16
C GLU A 75 -0.48 25.26 41.89
N VAL A 76 -0.26 26.50 41.46
CA VAL A 76 1.09 27.01 41.22
C VAL A 76 1.90 26.98 42.53
N ILE A 77 1.27 27.40 43.62
CA ILE A 77 1.90 27.39 44.95
C ILE A 77 2.29 25.97 45.38
N ALA A 78 1.39 25.01 45.16
CA ALA A 78 1.63 23.61 45.51
C ALA A 78 2.94 23.09 44.90
N PHE A 79 3.19 23.41 43.63
CA PHE A 79 4.41 23.01 42.94
C PHE A 79 5.65 23.72 43.50
N SER A 80 5.49 25.00 43.83
CA SER A 80 6.58 25.78 44.44
C SER A 80 6.93 25.24 45.82
N ASP A 81 5.90 24.92 46.61
CA ASP A 81 6.13 24.39 47.95
C ASP A 81 6.81 23.02 47.92
N SER A 82 6.86 22.39 46.75
CA SER A 82 7.34 21.01 46.65
C SER A 82 8.60 20.84 45.82
N VAL A 83 9.23 21.95 45.43
CA VAL A 83 10.39 21.90 44.54
C VAL A 83 11.40 20.87 44.99
N SER A 84 11.76 20.92 46.27
CA SER A 84 12.81 20.06 46.79
C SER A 84 12.51 18.61 46.48
N ARG A 85 11.24 18.21 46.64
CA ARG A 85 10.79 16.87 46.27
C ARG A 85 11.09 16.51 44.81
N PHE A 86 10.88 17.46 43.91
CA PHE A 86 11.29 17.30 42.52
C PHE A 86 12.81 17.32 42.38
N ASN A 87 13.44 18.25 43.08
CA ASN A 87 14.89 18.44 43.01
C ASN A 87 15.69 17.22 43.43
N GLU A 88 15.23 16.54 44.49
CA GLU A 88 15.95 15.35 44.95
C GLU A 88 15.69 14.15 44.05
N LEU A 89 14.88 14.38 43.02
CA LEU A 89 14.66 13.42 41.94
C LEU A 89 15.45 13.81 40.70
N ASN A 90 16.39 14.72 40.88
CA ASN A 90 17.12 15.35 39.77
C ASN A 90 16.18 15.99 38.74
N CYS A 91 15.12 16.63 39.25
CA CYS A 91 14.13 17.23 38.40
C CYS A 91 13.92 18.69 38.75
N GLU A 92 14.02 19.54 37.75
CA GLU A 92 13.75 20.96 37.92
C GLU A 92 12.31 21.25 37.51
N VAL A 93 11.66 22.19 38.17
CA VAL A 93 10.29 22.56 37.82
C VAL A 93 10.17 24.00 37.34
N LEU A 94 9.38 24.19 36.28
CA LEU A 94 9.30 25.46 35.57
C LEU A 94 7.84 25.81 35.28
N ALA A 95 7.40 26.96 35.78
CA ALA A 95 6.05 27.45 35.50
C ALA A 95 6.04 28.37 34.29
N CYS A 96 4.87 28.55 33.69
CA CYS A 96 4.75 29.41 32.51
C CYS A 96 3.34 29.95 32.32
N SER A 97 3.26 31.19 31.87
CA SER A 97 2.01 31.78 31.40
C SER A 97 2.26 32.92 30.41
N ILE A 98 1.20 33.37 29.76
CA ILE A 98 1.27 34.42 28.74
C ILE A 98 1.48 35.83 29.33
N ASP A 99 1.41 35.93 30.65
CA ASP A 99 1.60 37.19 31.36
C ASP A 99 3.05 37.66 31.30
N SER A 100 3.25 38.98 31.39
CA SER A 100 4.59 39.56 31.40
C SER A 100 5.35 39.21 32.67
N GLU A 101 6.66 39.39 32.63
CA GLU A 101 7.51 39.17 33.80
C GLU A 101 7.19 40.15 34.93
N TYR A 102 6.72 41.35 34.58
CA TYR A 102 6.32 42.35 35.56
C TYR A 102 5.03 41.92 36.27
N ALA A 103 4.11 41.35 35.51
CA ALA A 103 2.89 40.79 36.09
C ALA A 103 3.25 39.69 37.09
N HIS A 104 4.16 38.81 36.70
CA HIS A 104 4.58 37.73 37.56
C HIS A 104 5.19 38.25 38.80
N LEU A 105 6.05 39.24 38.68
CA LEU A 105 6.71 39.80 39.85
C LEU A 105 5.73 40.43 40.80
N GLN A 106 4.76 41.14 40.25
CA GLN A 106 3.77 41.83 41.05
C GLN A 106 2.99 40.82 41.86
N TRP A 107 2.70 39.69 41.25
CA TRP A 107 1.91 38.64 41.89
C TRP A 107 2.64 38.04 43.05
N THR A 108 3.96 37.96 42.95
CA THR A 108 4.78 37.42 44.01
C THR A 108 4.95 38.42 45.15
N LEU A 109 4.88 39.70 44.81
CA LEU A 109 4.95 40.77 45.81
C LEU A 109 3.65 40.86 46.59
N GLN A 110 2.58 40.33 46.01
CA GLN A 110 1.28 40.29 46.64
C GLN A 110 1.25 39.20 47.71
N ASP A 111 0.55 39.48 48.80
CA ASP A 111 0.50 38.58 49.95
C ASP A 111 -0.30 37.32 49.63
N ARG A 112 0.25 36.17 50.03
CA ARG A 112 -0.38 34.88 49.77
C ARG A 112 -1.78 34.77 50.39
N LYS A 113 -1.94 35.37 51.56
CA LYS A 113 -3.20 35.38 52.28
C LYS A 113 -4.26 36.09 51.46
N LYS A 114 -3.83 37.12 50.76
CA LYS A 114 -4.71 38.05 50.09
C LYS A 114 -4.96 37.69 48.63
N GLY A 115 -4.69 36.43 48.30
CA GLY A 115 -4.94 35.93 46.96
C GLY A 115 -3.76 36.09 46.05
N GLY A 116 -2.64 36.48 46.64
CA GLY A 116 -1.40 36.62 45.88
C GLY A 116 -0.61 35.33 45.82
N LEU A 117 0.59 35.44 45.24
CA LEU A 117 1.43 34.27 45.02
C LEU A 117 2.46 34.08 46.13
N GLY A 118 2.89 35.18 46.75
CA GLY A 118 4.00 35.13 47.69
C GLY A 118 5.29 34.83 46.96
N THR A 119 6.41 34.80 47.68
CA THR A 119 7.68 34.52 47.02
C THR A 119 7.76 33.04 46.63
N MET A 120 8.35 32.80 45.47
CA MET A 120 8.29 31.50 44.81
C MET A 120 9.64 30.82 44.83
N ALA A 121 9.61 29.49 44.75
CA ALA A 121 10.82 28.70 44.74
C ALA A 121 11.15 28.17 43.33
N ILE A 122 10.31 28.52 42.36
CA ILE A 122 10.52 28.10 40.98
C ILE A 122 10.49 29.31 40.04
N PRO A 123 11.20 29.23 38.91
CA PRO A 123 11.09 30.31 37.92
C PRO A 123 9.72 30.28 37.22
N ILE A 124 9.26 31.44 36.76
CA ILE A 124 8.01 31.53 36.01
C ILE A 124 8.27 32.22 34.68
N LEU A 125 8.14 31.47 33.58
CA LEU A 125 8.36 31.99 32.24
C LEU A 125 7.29 33.01 31.85
N ALA A 126 7.71 34.07 31.18
CA ALA A 126 6.80 35.08 30.67
C ALA A 126 6.63 34.91 29.15
N ASP A 127 5.73 34.01 28.79
CA ASP A 127 5.48 33.66 27.39
C ASP A 127 4.69 34.78 26.71
N LYS A 128 5.33 35.94 26.60
CA LYS A 128 4.67 37.12 26.05
C LYS A 128 4.22 36.96 24.61
N THR A 129 4.99 36.27 23.78
CA THR A 129 4.59 36.04 22.40
C THR A 129 3.62 34.87 22.20
N LYS A 130 3.34 34.13 23.26
CA LYS A 130 2.44 32.99 23.22
C LYS A 130 2.98 31.82 22.41
N ASN A 131 4.21 31.91 21.94
CA ASN A 131 4.77 30.89 21.07
C ASN A 131 5.11 29.60 21.80
N ILE A 132 5.56 29.71 23.04
CA ILE A 132 5.82 28.54 23.85
C ILE A 132 4.55 27.72 24.00
N ALA A 133 3.49 28.35 24.50
CA ALA A 133 2.18 27.72 24.63
C ALA A 133 1.77 27.09 23.29
N ARG A 134 1.98 27.83 22.20
CA ARG A 134 1.69 27.34 20.86
C ARG A 134 2.46 26.08 20.51
N SER A 135 3.77 26.10 20.71
CA SER A 135 4.60 24.96 20.37
C SER A 135 4.28 23.73 21.23
N TYR A 136 3.83 23.97 22.46
CA TYR A 136 3.39 22.87 23.32
C TYR A 136 1.91 22.51 23.12
N GLY A 137 1.27 23.23 22.20
CA GLY A 137 -0.10 22.94 21.78
C GLY A 137 -1.14 23.07 22.88
N VAL A 138 -0.96 24.06 23.75
CA VAL A 138 -1.84 24.25 24.90
C VAL A 138 -2.51 25.61 24.90
N LEU A 139 -2.26 26.39 23.83
CA LEU A 139 -2.82 27.72 23.72
C LEU A 139 -4.29 27.66 23.32
N GLU A 140 -5.14 28.30 24.11
CA GLU A 140 -6.51 28.56 23.71
C GLU A 140 -6.52 29.83 22.87
N GLU A 141 -6.60 29.66 21.55
CA GLU A 141 -6.44 30.76 20.59
C GLU A 141 -7.46 31.88 20.73
N SER A 142 -8.70 31.53 21.06
CA SER A 142 -9.78 32.51 21.21
C SER A 142 -9.58 33.38 22.47
N GLN A 143 -9.06 32.78 23.53
CA GLN A 143 -8.85 33.48 24.80
C GLN A 143 -7.47 34.15 24.85
N GLY A 144 -6.51 33.56 24.16
CA GLY A 144 -5.13 34.03 24.19
C GLY A 144 -4.39 33.57 25.44
N VAL A 145 -4.91 32.54 26.09
CA VAL A 145 -4.31 31.98 27.30
C VAL A 145 -4.06 30.48 27.17
N ALA A 146 -3.18 29.93 28.01
CA ALA A 146 -2.83 28.52 27.96
C ALA A 146 -3.69 27.67 28.88
N TYR A 147 -3.95 26.45 28.43
CA TYR A 147 -4.61 25.46 29.26
C TYR A 147 -3.65 24.96 30.33
N ARG A 148 -4.18 24.23 31.30
CA ARG A 148 -3.36 23.71 32.40
C ARG A 148 -2.59 22.50 31.89
N GLY A 149 -1.62 22.75 31.02
CA GLY A 149 -0.78 21.69 30.47
C GLY A 149 0.47 21.49 31.30
N LEU A 150 0.89 20.23 31.41
CA LEU A 150 2.10 19.88 32.14
C LEU A 150 2.87 18.85 31.30
N PHE A 151 4.18 19.03 31.23
CA PHE A 151 5.02 18.19 30.39
C PHE A 151 6.25 17.71 31.14
N ILE A 152 6.48 16.40 31.10
CA ILE A 152 7.69 15.82 31.71
C ILE A 152 8.75 15.59 30.63
N ILE A 153 9.91 16.20 30.83
CA ILE A 153 11.01 16.14 29.88
C ILE A 153 12.23 15.51 30.54
N ASP A 154 12.86 14.54 29.85
CA ASP A 154 14.00 13.81 30.41
C ASP A 154 15.33 14.57 30.28
N PRO A 155 16.42 14.06 30.90
CA PRO A 155 17.74 14.69 30.80
C PRO A 155 18.25 14.86 29.37
N HIS A 156 17.71 14.09 28.44
CA HIS A 156 18.12 14.18 27.04
C HIS A 156 17.31 15.18 26.25
N GLY A 157 16.36 15.83 26.92
CA GLY A 157 15.49 16.82 26.29
C GLY A 157 14.30 16.22 25.56
N MET A 158 14.07 14.93 25.79
CA MET A 158 12.97 14.22 25.14
C MET A 158 11.68 14.35 25.93
N LEU A 159 10.59 14.65 25.23
CA LEU A 159 9.28 14.74 25.85
C LEU A 159 8.81 13.33 26.21
N ARG A 160 8.45 13.14 27.48
CA ARG A 160 8.14 11.80 27.97
C ARG A 160 6.70 11.60 28.43
N GLN A 161 6.04 12.67 28.85
CA GLN A 161 4.61 12.57 29.18
C GLN A 161 3.85 13.91 29.05
N ILE A 162 2.59 13.82 28.63
CA ILE A 162 1.75 14.98 28.41
C ILE A 162 0.51 14.93 29.31
N THR A 163 0.30 15.99 30.07
CA THR A 163 -0.94 16.16 30.83
C THR A 163 -1.54 17.50 30.45
N VAL A 164 -2.81 17.49 30.03
CA VAL A 164 -3.52 18.73 29.77
C VAL A 164 -4.90 18.74 30.44
N ASN A 165 -5.12 19.71 31.33
CA ASN A 165 -6.41 19.91 32.00
C ASN A 165 -7.14 21.12 31.46
N ASP A 166 -8.47 21.00 31.36
CA ASP A 166 -9.35 22.16 31.14
C ASP A 166 -9.14 23.13 32.31
N MET A 167 -9.37 24.41 32.06
CA MET A 167 -9.14 25.49 33.03
C MET A 167 -9.53 25.17 34.49
N PRO A 168 -10.77 24.72 34.74
CA PRO A 168 -11.22 24.67 36.12
C PRO A 168 -10.70 23.52 36.99
N VAL A 169 -9.89 22.62 36.44
CA VAL A 169 -9.41 21.46 37.23
C VAL A 169 -7.89 21.43 37.35
N GLY A 170 -7.41 21.32 38.59
CA GLY A 170 -5.98 21.34 38.86
C GLY A 170 -5.26 20.02 38.67
N ARG A 171 -3.94 20.09 38.66
CA ARG A 171 -3.07 18.91 38.53
C ARG A 171 -2.64 18.45 39.92
N SER A 172 -2.02 17.28 40.00
CA SER A 172 -1.59 16.73 41.28
C SER A 172 -0.07 16.59 41.41
N VAL A 173 0.51 17.27 42.38
CA VAL A 173 1.94 17.17 42.66
C VAL A 173 2.34 15.72 42.90
N GLU A 174 1.53 15.00 43.69
CA GLU A 174 1.74 13.59 43.96
C GLU A 174 1.84 12.77 42.67
N GLU A 175 0.88 12.98 41.77
CA GLU A 175 0.82 12.25 40.52
C GLU A 175 2.08 12.47 39.68
N VAL A 176 2.53 13.72 39.59
CA VAL A 176 3.72 14.03 38.78
C VAL A 176 4.95 13.34 39.37
N LEU A 177 5.03 13.32 40.69
CA LEU A 177 6.10 12.61 41.38
C LEU A 177 6.01 11.09 41.18
N ARG A 178 4.79 10.55 41.21
CA ARG A 178 4.53 9.14 40.89
C ARG A 178 5.15 8.81 39.53
N LEU A 179 4.82 9.65 38.54
CA LEU A 179 5.29 9.50 37.17
C LEU A 179 6.81 9.60 37.08
N LEU A 180 7.38 10.58 37.77
CA LEU A 180 8.81 10.78 37.77
C LEU A 180 9.57 9.57 38.27
N GLU A 181 9.14 9.05 39.41
CA GLU A 181 9.78 7.89 40.01
C GLU A 181 9.66 6.69 39.10
N ALA A 182 8.49 6.53 38.49
CA ALA A 182 8.22 5.45 37.56
C ALA A 182 9.19 5.51 36.38
N PHE A 183 9.36 6.69 35.82
CA PHE A 183 10.26 6.89 34.67
C PHE A 183 11.70 6.58 35.02
N GLN A 184 12.12 7.06 36.19
CA GLN A 184 13.48 6.85 36.66
C GLN A 184 13.75 5.40 37.06
N PHE A 185 12.72 4.73 37.55
CA PHE A 185 12.81 3.30 37.87
C PHE A 185 13.05 2.46 36.60
N VAL A 186 12.44 2.86 35.49
CA VAL A 186 12.61 2.16 34.21
C VAL A 186 14.03 2.36 33.68
N GLU A 187 14.61 3.53 33.91
CA GLU A 187 16.00 3.80 33.54
C GLU A 187 16.97 2.87 34.26
N LYS A 188 16.75 2.68 35.55
CA LYS A 188 17.63 1.88 36.38
C LYS A 188 17.57 0.38 36.02
N HIS A 189 16.37 -0.17 36.02
CA HIS A 189 16.17 -1.58 35.76
C HIS A 189 15.25 -1.79 34.59
N ASN B 25 -7.73 15.91 14.87
CA ASN B 25 -7.03 15.65 16.17
C ASN B 25 -7.81 16.14 17.40
N ALA B 26 -7.40 15.65 18.57
CA ALA B 26 -8.16 15.85 19.80
C ALA B 26 -7.75 17.11 20.57
N LYS B 27 -8.74 17.94 20.89
CA LYS B 27 -8.49 19.24 21.52
C LYS B 27 -9.44 19.46 22.69
N ILE B 28 -8.93 20.04 23.77
CA ILE B 28 -9.74 20.35 24.94
C ILE B 28 -10.86 21.31 24.57
N ASN B 29 -12.07 21.02 25.06
CA ASN B 29 -13.29 21.80 24.79
C ASN B 29 -13.77 21.76 23.34
N SER B 30 -13.26 20.82 22.57
CA SER B 30 -13.81 20.49 21.26
C SER B 30 -14.44 19.11 21.36
N PRO B 31 -15.38 18.78 20.45
CA PRO B 31 -15.93 17.43 20.50
C PRO B 31 -14.82 16.40 20.32
N ALA B 32 -14.77 15.42 21.21
CA ALA B 32 -13.79 14.34 21.09
C ALA B 32 -13.98 13.62 19.75
N PRO B 33 -12.87 13.26 19.09
CA PRO B 33 -12.96 12.59 17.80
C PRO B 33 -13.92 11.41 17.81
N SER B 34 -14.78 11.34 16.80
CA SER B 34 -15.78 10.27 16.66
C SER B 34 -15.14 8.96 16.30
N PHE B 35 -15.82 7.86 16.63
CA PHE B 35 -15.45 6.55 16.16
C PHE B 35 -16.62 5.60 16.28
N GLU B 36 -16.67 4.64 15.37
CA GLU B 36 -17.52 3.48 15.52
C GLU B 36 -16.67 2.28 15.13
N GLU B 37 -16.45 1.37 16.08
CA GLU B 37 -15.54 0.25 15.88
C GLU B 37 -15.96 -0.98 16.67
N VAL B 38 -15.56 -2.15 16.18
CA VAL B 38 -15.74 -3.42 16.88
C VAL B 38 -15.00 -3.41 18.23
N ALA B 39 -15.64 -3.97 19.25
CA ALA B 39 -15.02 -4.11 20.56
C ALA B 39 -15.35 -5.46 21.18
N LEU B 40 -14.43 -5.96 21.99
CA LEU B 40 -14.70 -7.13 22.79
C LEU B 40 -15.49 -6.70 24.01
N MET B 41 -16.73 -7.18 24.09
CA MET B 41 -17.61 -6.87 25.22
C MET B 41 -17.23 -7.70 26.44
N PRO B 42 -17.56 -7.19 27.66
CA PRO B 42 -17.29 -7.94 28.88
C PRO B 42 -17.83 -9.37 28.89
N ASN B 43 -18.93 -9.63 28.19
CA ASN B 43 -19.51 -10.97 28.14
C ASN B 43 -18.80 -11.92 27.15
N GLY B 44 -17.92 -11.37 26.32
CA GLY B 44 -17.14 -12.18 25.38
C GLY B 44 -17.57 -12.06 23.93
N SER B 45 -18.59 -11.25 23.67
CA SER B 45 -19.07 -11.05 22.30
C SER B 45 -18.40 -9.87 21.62
N PHE B 46 -18.48 -9.84 20.30
CA PHE B 46 -18.03 -8.70 19.53
C PHE B 46 -19.21 -7.78 19.26
N LYS B 47 -18.98 -6.47 19.30
CA LYS B 47 -20.03 -5.48 19.11
C LYS B 47 -19.45 -4.17 18.60
N LYS B 48 -20.18 -3.54 17.68
CA LYS B 48 -19.83 -2.21 17.21
C LYS B 48 -20.17 -1.21 18.31
N ILE B 49 -19.24 -0.31 18.60
CA ILE B 49 -19.44 0.71 19.62
C ILE B 49 -19.09 2.07 19.05
N SER B 50 -19.99 3.02 19.20
CA SER B 50 -19.76 4.39 18.77
C SER B 50 -19.55 5.26 20.00
N LEU B 51 -18.74 6.31 19.85
CA LEU B 51 -18.53 7.26 20.95
C LEU B 51 -19.83 7.94 21.34
N SER B 52 -20.62 8.32 20.33
CA SER B 52 -21.85 9.07 20.55
C SER B 52 -22.88 8.30 21.36
N SER B 53 -22.78 6.97 21.37
CA SER B 53 -23.68 6.13 22.17
C SER B 53 -23.49 6.36 23.68
N TYR B 54 -22.42 7.05 24.04
CA TYR B 54 -22.14 7.36 25.44
C TYR B 54 -22.63 8.74 25.85
N LYS B 55 -23.20 9.48 24.89
CA LYS B 55 -23.73 10.80 25.16
C LYS B 55 -24.64 10.72 26.36
N GLY B 56 -24.45 11.62 27.31
CA GLY B 56 -25.21 11.57 28.57
C GLY B 56 -24.40 10.97 29.70
N LYS B 57 -23.27 10.37 29.36
CA LYS B 57 -22.33 9.83 30.35
C LYS B 57 -20.92 10.37 30.16
N TRP B 58 -20.16 10.40 31.26
CA TRP B 58 -18.73 10.62 31.17
C TRP B 58 -18.07 9.38 30.62
N VAL B 59 -16.95 9.56 29.92
CA VAL B 59 -16.20 8.43 29.37
C VAL B 59 -14.72 8.59 29.64
N VAL B 60 -14.11 7.54 30.18
CA VAL B 60 -12.67 7.46 30.21
C VAL B 60 -12.25 6.50 29.10
N LEU B 61 -11.74 7.06 28.01
CA LEU B 61 -11.18 6.27 26.93
C LEU B 61 -9.67 6.20 27.12
N PHE B 62 -9.14 4.99 27.18
CA PHE B 62 -7.70 4.84 27.33
C PHE B 62 -7.08 3.79 26.40
N PHE B 63 -5.92 4.15 25.86
CA PHE B 63 -5.21 3.31 24.90
C PHE B 63 -4.08 2.58 25.60
N TYR B 64 -3.69 1.44 25.04
CA TYR B 64 -2.47 0.75 25.43
C TYR B 64 -1.82 0.18 24.17
N PRO B 65 -0.50 -0.11 24.22
CA PRO B 65 0.24 -0.48 23.02
C PRO B 65 -0.18 -1.81 22.39
N LEU B 66 0.08 -2.92 23.11
CA LEU B 66 -0.12 -4.26 22.52
C LEU B 66 -0.65 -5.29 23.50
N ASP B 67 -1.46 -6.21 22.97
CA ASP B 67 -1.88 -7.40 23.70
C ASP B 67 -0.71 -8.37 23.83
N PHE B 68 -0.73 -9.18 24.89
CA PHE B 68 0.25 -10.25 25.11
C PHE B 68 1.68 -9.75 25.37
N THR B 69 1.82 -8.48 25.74
CA THR B 69 3.14 -7.92 26.06
C THR B 69 3.79 -8.70 27.23
N PHE B 70 5.11 -8.82 27.23
CA PHE B 70 5.80 -9.64 28.23
C PHE B 70 5.68 -9.10 29.66
N VAL B 71 5.18 -7.88 29.80
CA VAL B 71 5.03 -7.27 31.13
C VAL B 71 3.61 -7.40 31.67
N CYS B 72 3.46 -8.09 32.80
CA CYS B 72 2.16 -8.26 33.43
C CYS B 72 1.25 -7.05 33.20
N PRO B 73 0.05 -7.28 32.61
CA PRO B 73 -0.90 -6.21 32.25
C PRO B 73 -1.71 -5.66 33.42
N THR B 74 -1.01 -5.20 34.46
CA THR B 74 -1.66 -4.72 35.67
C THR B 74 -2.50 -3.48 35.42
N GLU B 75 -2.05 -2.62 34.51
CA GLU B 75 -2.69 -1.35 34.23
C GLU B 75 -4.11 -1.50 33.66
N VAL B 76 -4.25 -2.25 32.58
CA VAL B 76 -5.55 -2.51 31.98
C VAL B 76 -6.47 -3.18 33.02
N ILE B 77 -5.92 -4.18 33.72
CA ILE B 77 -6.65 -4.90 34.77
C ILE B 77 -7.12 -3.96 35.87
N ALA B 78 -6.25 -3.02 36.27
CA ALA B 78 -6.55 -2.07 37.34
C ALA B 78 -7.82 -1.26 37.03
N PHE B 79 -7.98 -0.85 35.77
CA PHE B 79 -9.15 -0.11 35.34
C PHE B 79 -10.40 -0.98 35.30
N SER B 80 -10.24 -2.23 34.86
CA SER B 80 -11.32 -3.20 34.85
C SER B 80 -11.79 -3.52 36.26
N ASP B 81 -10.85 -3.73 37.17
CA ASP B 81 -11.20 -4.03 38.56
C ASP B 81 -11.93 -2.86 39.24
N SER B 82 -11.90 -1.68 38.62
CA SER B 82 -12.41 -0.48 39.26
C SER B 82 -13.60 0.18 38.55
N VAL B 83 -14.15 -0.50 37.55
CA VAL B 83 -15.26 0.05 36.76
C VAL B 83 -16.35 0.69 37.63
N SER B 84 -16.77 -0.03 38.68
CA SER B 84 -17.90 0.40 39.49
C SER B 84 -17.67 1.75 40.17
N ARG B 85 -16.40 2.06 40.43
CA ARG B 85 -15.99 3.34 41.00
C ARG B 85 -16.23 4.47 40.00
N PHE B 86 -15.94 4.19 38.73
CA PHE B 86 -16.22 5.11 37.64
C PHE B 86 -17.71 5.17 37.36
N ASN B 87 -18.37 4.01 37.39
CA ASN B 87 -19.79 3.93 37.15
C ASN B 87 -20.60 4.69 38.22
N GLU B 88 -20.14 4.63 39.47
CA GLU B 88 -20.70 5.44 40.57
C GLU B 88 -20.73 6.92 40.23
N LEU B 89 -19.78 7.35 39.40
CA LEU B 89 -19.66 8.74 39.03
C LEU B 89 -20.20 8.98 37.62
N ASN B 90 -21.17 8.15 37.22
CA ASN B 90 -21.80 8.24 35.90
C ASN B 90 -20.75 8.25 34.78
N CYS B 91 -19.73 7.43 34.95
CA CYS B 91 -18.65 7.38 33.99
C CYS B 91 -18.42 5.96 33.50
N GLU B 92 -18.40 5.81 32.18
CA GLU B 92 -18.10 4.54 31.55
C GLU B 92 -16.63 4.53 31.16
N VAL B 93 -16.00 3.36 31.23
CA VAL B 93 -14.59 3.25 30.84
C VAL B 93 -14.39 2.30 29.66
N LEU B 94 -13.52 2.73 28.74
CA LEU B 94 -13.33 2.06 27.47
C LEU B 94 -11.84 1.89 27.15
N ALA B 95 -11.40 0.65 26.95
CA ALA B 95 -10.02 0.37 26.58
C ALA B 95 -9.89 0.27 25.07
N CYS B 96 -8.66 0.43 24.58
CA CYS B 96 -8.42 0.41 23.14
C CYS B 96 -6.97 0.05 22.80
N SER B 97 -6.80 -0.72 21.73
CA SER B 97 -5.49 -0.96 21.12
C SER B 97 -5.63 -1.36 19.66
N ILE B 98 -4.49 -1.42 18.97
CA ILE B 98 -4.46 -1.71 17.53
C ILE B 98 -4.65 -3.20 17.21
N ASP B 99 -4.71 -4.02 18.25
CA ASP B 99 -4.92 -5.46 18.10
C ASP B 99 -6.34 -5.78 17.63
N SER B 100 -6.52 -6.92 16.97
CA SER B 100 -7.83 -7.40 16.54
C SER B 100 -8.71 -7.81 17.73
N GLU B 101 -10.01 -7.93 17.48
CA GLU B 101 -10.95 -8.37 18.49
C GLU B 101 -10.70 -9.81 18.92
N TYR B 102 -10.16 -10.62 18.00
CA TYR B 102 -9.79 -11.99 18.28
C TYR B 102 -8.59 -12.07 19.21
N ALA B 103 -7.61 -11.20 18.98
CA ALA B 103 -6.47 -11.06 19.88
C ALA B 103 -6.96 -10.70 21.28
N HIS B 104 -7.83 -9.69 21.37
CA HIS B 104 -8.44 -9.30 22.64
C HIS B 104 -9.07 -10.48 23.31
N LEU B 105 -9.94 -11.17 22.58
CA LEU B 105 -10.66 -12.33 23.12
C LEU B 105 -9.69 -13.38 23.68
N GLN B 106 -8.67 -13.69 22.90
CA GLN B 106 -7.69 -14.68 23.28
C GLN B 106 -6.98 -14.33 24.58
N TRP B 107 -6.74 -13.03 24.78
CA TRP B 107 -6.03 -12.55 25.96
C TRP B 107 -6.87 -12.69 27.19
N THR B 108 -8.18 -12.53 27.04
CA THR B 108 -9.11 -12.65 28.15
C THR B 108 -9.34 -14.11 28.52
N LEU B 109 -9.21 -15.00 27.54
CA LEU B 109 -9.32 -16.44 27.77
C LEU B 109 -8.08 -16.97 28.46
N GLN B 110 -7.00 -16.22 28.37
CA GLN B 110 -5.74 -16.57 29.03
C GLN B 110 -5.85 -16.26 30.52
N ASP B 111 -5.24 -17.13 31.33
CA ASP B 111 -5.29 -17.01 32.78
C ASP B 111 -4.50 -15.80 33.29
N ARG B 112 -5.11 -15.06 34.20
CA ARG B 112 -4.52 -13.85 34.75
C ARG B 112 -3.19 -14.15 35.47
N LYS B 113 -3.13 -15.28 36.13
CA LYS B 113 -1.94 -15.72 36.82
C LYS B 113 -0.79 -16.02 35.86
N LYS B 114 -1.15 -16.34 34.62
CA LYS B 114 -0.19 -16.78 33.60
C LYS B 114 0.30 -15.67 32.68
N GLY B 115 0.01 -14.43 33.06
CA GLY B 115 0.28 -13.24 32.27
C GLY B 115 -0.86 -12.80 31.37
N GLY B 116 -1.98 -13.47 31.48
CA GLY B 116 -3.15 -13.15 30.68
C GLY B 116 -3.99 -12.03 31.28
N LEU B 117 -5.11 -11.76 30.64
CA LEU B 117 -5.97 -10.66 31.02
C LEU B 117 -7.11 -11.11 31.92
N GLY B 118 -7.59 -12.34 31.70
CA GLY B 118 -8.81 -12.84 32.34
C GLY B 118 -10.01 -12.11 31.77
N THR B 119 -11.22 -12.47 32.18
CA THR B 119 -12.40 -11.75 31.67
C THR B 119 -12.46 -10.32 32.23
N MET B 120 -12.78 -9.39 31.33
CA MET B 120 -12.75 -7.95 31.63
C MET B 120 -14.15 -7.42 31.92
N ALA B 121 -14.21 -6.37 32.75
CA ALA B 121 -15.48 -5.70 33.07
C ALA B 121 -15.72 -4.46 32.21
N ILE B 122 -14.80 -4.23 31.27
CA ILE B 122 -14.91 -3.11 30.35
C ILE B 122 -14.75 -3.60 28.91
N PRO B 123 -15.37 -2.89 27.95
CA PRO B 123 -15.13 -3.23 26.55
C PRO B 123 -13.72 -2.84 26.12
N ILE B 124 -13.18 -3.56 25.13
CA ILE B 124 -11.88 -3.23 24.56
C ILE B 124 -12.01 -3.06 23.05
N LEU B 125 -11.84 -1.83 22.59
CA LEU B 125 -11.90 -1.52 21.16
C LEU B 125 -10.77 -2.17 20.36
N ALA B 126 -11.11 -2.67 19.18
CA ALA B 126 -10.14 -3.23 18.25
C ALA B 126 -9.85 -2.25 17.12
N ASP B 127 -8.93 -1.33 17.38
CA ASP B 127 -8.57 -0.27 16.42
C ASP B 127 -7.66 -0.81 15.32
N LYS B 128 -8.20 -1.76 14.54
CA LYS B 128 -7.46 -2.43 13.45
C LYS B 128 -6.93 -1.48 12.37
N THR B 129 -7.65 -0.40 12.10
CA THR B 129 -7.21 0.55 11.06
C THR B 129 -6.21 1.56 11.62
N LYS B 130 -6.07 1.58 12.94
CA LYS B 130 -5.20 2.53 13.66
C LYS B 130 -5.77 3.95 13.72
N ASN B 131 -6.95 4.14 13.14
CA ASN B 131 -7.49 5.48 12.94
C ASN B 131 -7.97 6.17 14.21
N ILE B 132 -8.46 5.40 15.17
CA ILE B 132 -8.86 5.97 16.45
C ILE B 132 -7.63 6.53 17.15
N ALA B 133 -6.57 5.73 17.20
CA ALA B 133 -5.29 6.16 17.77
C ALA B 133 -4.80 7.43 17.08
N ARG B 134 -4.91 7.44 15.75
CA ARG B 134 -4.52 8.59 14.93
C ARG B 134 -5.31 9.83 15.28
N SER B 135 -6.62 9.72 15.35
CA SER B 135 -7.45 10.87 15.62
C SER B 135 -7.25 11.41 17.03
N TYR B 136 -6.89 10.53 17.96
CA TYR B 136 -6.56 10.96 19.32
C TYR B 136 -5.08 11.33 19.48
N GLY B 137 -4.34 11.21 18.39
CA GLY B 137 -2.96 11.67 18.31
C GLY B 137 -2.01 10.93 19.23
N VAL B 138 -2.22 9.64 19.36
CA VAL B 138 -1.44 8.82 20.28
C VAL B 138 -0.72 7.69 19.58
N LEU B 139 -0.84 7.64 18.25
CA LEU B 139 -0.23 6.59 17.46
C LEU B 139 1.27 6.84 17.29
N GLU B 140 2.08 5.86 17.66
CA GLU B 140 3.49 5.85 17.30
C GLU B 140 3.63 5.26 15.90
N GLU B 141 3.82 6.14 14.93
CA GLU B 141 3.75 5.77 13.51
C GLU B 141 4.79 4.73 13.09
N SER B 142 5.98 4.81 13.68
CA SER B 142 7.07 3.89 13.35
C SER B 142 6.82 2.49 13.88
N GLN B 143 6.18 2.39 15.06
CA GLN B 143 5.88 1.11 15.69
C GLN B 143 4.54 0.54 15.23
N GLY B 144 3.60 1.42 14.90
CA GLY B 144 2.25 1.02 14.54
C GLY B 144 1.39 0.74 15.77
N VAL B 145 1.82 1.24 16.92
CA VAL B 145 1.11 1.03 18.18
C VAL B 145 0.84 2.35 18.90
N ALA B 146 -0.13 2.34 19.82
CA ALA B 146 -0.51 3.54 20.52
C ALA B 146 0.24 3.71 21.83
N TYR B 147 0.52 4.97 22.16
CA TYR B 147 1.05 5.32 23.47
C TYR B 147 -0.03 5.13 24.54
N ARG B 148 0.38 5.19 25.81
CA ARG B 148 -0.55 5.04 26.91
C ARG B 148 -1.31 6.34 27.12
N GLY B 149 -2.19 6.66 26.17
CA GLY B 149 -3.02 7.85 26.22
C GLY B 149 -4.34 7.58 26.90
N LEU B 150 -4.82 8.56 27.67
CA LEU B 150 -6.10 8.46 28.35
C LEU B 150 -6.82 9.79 28.20
N PHE B 151 -8.12 9.71 27.91
CA PHE B 151 -8.92 10.89 27.61
C PHE B 151 -10.21 10.90 28.41
N ILE B 152 -10.49 12.01 29.06
CA ILE B 152 -11.73 12.17 29.79
C ILE B 152 -12.72 12.98 28.94
N ILE B 153 -13.87 12.38 28.68
CA ILE B 153 -14.90 12.99 27.82
C ILE B 153 -16.18 13.18 28.64
N ASP B 154 -16.78 14.36 28.53
CA ASP B 154 -17.99 14.68 29.30
C ASP B 154 -19.30 14.16 28.65
N PRO B 155 -20.43 14.23 29.37
CA PRO B 155 -21.73 13.79 28.82
C PRO B 155 -22.11 14.46 27.51
N HIS B 156 -21.54 15.63 27.22
CA HIS B 156 -21.81 16.34 25.97
C HIS B 156 -20.90 15.93 24.84
N GLY B 157 -19.98 15.01 25.12
CA GLY B 157 -19.06 14.50 24.11
C GLY B 157 -17.84 15.38 23.92
N MET B 158 -17.66 16.31 24.86
CA MET B 158 -16.54 17.26 24.80
C MET B 158 -15.30 16.69 25.49
N LEU B 159 -14.16 16.82 24.83
CA LEU B 159 -12.89 16.39 25.41
C LEU B 159 -12.51 17.35 26.55
N ARG B 160 -12.26 16.79 27.73
CA ARG B 160 -12.04 17.63 28.91
C ARG B 160 -10.65 17.52 29.53
N GLN B 161 -9.96 16.39 29.32
CA GLN B 161 -8.58 16.25 29.76
C GLN B 161 -7.78 15.19 28.99
N ILE B 162 -6.49 15.47 28.79
CA ILE B 162 -5.59 14.61 28.04
C ILE B 162 -4.43 14.14 28.92
N THR B 163 -4.25 12.83 28.99
CA THR B 163 -3.07 12.24 29.62
C THR B 163 -2.40 11.33 28.59
N VAL B 164 -1.09 11.52 28.38
CA VAL B 164 -0.33 10.62 27.51
C VAL B 164 0.99 10.23 28.18
N ASN B 165 1.17 8.93 28.39
CA ASN B 165 2.40 8.38 28.95
C ASN B 165 3.23 7.66 27.88
N ASP B 166 4.56 7.80 27.98
CA ASP B 166 5.48 6.93 27.25
C ASP B 166 5.23 5.49 27.65
N MET B 167 5.52 4.55 26.75
CA MET B 167 5.23 3.12 26.95
C MET B 167 5.50 2.57 28.35
N PRO B 168 6.70 2.80 28.92
CA PRO B 168 7.04 2.06 30.13
C PRO B 168 6.40 2.54 31.44
N VAL B 169 5.62 3.61 31.42
CA VAL B 169 5.04 4.13 32.67
C VAL B 169 3.51 4.09 32.66
N GLY B 170 2.94 3.52 33.70
CA GLY B 170 1.49 3.37 33.79
C GLY B 170 0.73 4.58 34.32
N ARG B 171 -0.58 4.55 34.14
CA ARG B 171 -1.47 5.60 34.62
C ARG B 171 -2.04 5.22 35.98
N SER B 172 -2.70 6.17 36.65
CA SER B 172 -3.25 5.93 37.99
C SER B 172 -4.78 6.01 38.03
N VAL B 173 -5.41 4.91 38.42
CA VAL B 173 -6.86 4.87 38.58
C VAL B 173 -7.32 5.94 39.56
N GLU B 174 -6.59 6.07 40.67
CA GLU B 174 -6.89 7.10 41.67
C GLU B 174 -6.91 8.49 41.04
N GLU B 175 -5.87 8.80 40.27
CA GLU B 175 -5.73 10.11 39.64
C GLU B 175 -6.91 10.41 38.72
N VAL B 176 -7.30 9.44 37.89
CA VAL B 176 -8.41 9.66 36.96
C VAL B 176 -9.70 9.93 37.74
N LEU B 177 -9.87 9.20 38.84
CA LEU B 177 -11.03 9.42 39.71
C LEU B 177 -10.97 10.81 40.38
N ARG B 178 -9.79 11.21 40.82
CA ARG B 178 -9.55 12.55 41.36
C ARG B 178 -10.07 13.58 40.36
N LEU B 179 -9.64 13.44 39.12
CA LEU B 179 -10.00 14.34 38.04
C LEU B 179 -11.50 14.33 37.80
N LEU B 180 -12.08 13.13 37.77
CA LEU B 180 -13.51 12.99 37.52
C LEU B 180 -14.35 13.74 38.55
N GLU B 181 -14.01 13.54 39.81
CA GLU B 181 -14.73 14.17 40.90
C GLU B 181 -14.58 15.68 40.83
N ALA B 182 -13.38 16.12 40.50
CA ALA B 182 -13.08 17.54 40.35
C ALA B 182 -13.94 18.17 39.27
N PHE B 183 -14.02 17.50 38.12
CA PHE B 183 -14.81 18.01 37.00
C PHE B 183 -16.29 18.08 37.36
N GLN B 184 -16.79 17.04 38.01
CA GLN B 184 -18.19 16.97 38.38
C GLN B 184 -18.54 17.96 39.48
N PHE B 185 -17.57 18.24 40.35
CA PHE B 185 -17.74 19.23 41.41
C PHE B 185 -17.93 20.64 40.82
N VAL B 186 -17.22 20.91 39.73
CA VAL B 186 -17.30 22.19 39.04
C VAL B 186 -18.64 22.37 38.31
N GLU B 187 -19.11 21.32 37.64
CA GLU B 187 -20.40 21.37 36.96
C GLU B 187 -21.57 21.41 37.97
N LYS B 188 -21.29 21.04 39.22
CA LYS B 188 -22.29 21.05 40.30
C LYS B 188 -22.50 22.47 40.83
N ASN C 25 4.87 0.01 -5.00
CA ASN C 25 4.09 -1.25 -5.26
C ASN C 25 4.93 -2.34 -5.93
N ALA C 26 4.37 -3.55 -6.00
CA ALA C 26 5.07 -4.72 -6.53
C ALA C 26 4.75 -4.98 -8.00
N LYS C 27 5.78 -5.28 -8.80
CA LYS C 27 5.65 -5.50 -10.24
C LYS C 27 6.54 -6.65 -10.71
N ILE C 28 6.02 -7.47 -11.62
CA ILE C 28 6.78 -8.60 -12.20
C ILE C 28 8.03 -8.08 -12.91
N ASN C 29 9.15 -8.75 -12.67
CA ASN C 29 10.47 -8.38 -13.21
C ASN C 29 11.05 -7.05 -12.73
N SER C 30 10.48 -6.53 -11.64
CA SER C 30 11.07 -5.43 -10.88
C SER C 30 11.54 -6.00 -9.54
N PRO C 31 12.51 -5.33 -8.90
CA PRO C 31 12.89 -5.82 -7.57
C PRO C 31 11.69 -5.83 -6.64
N ALA C 32 11.48 -6.94 -5.95
CA ALA C 32 10.39 -7.04 -4.98
C ALA C 32 10.58 -6.00 -3.89
N PRO C 33 9.46 -5.36 -3.46
CA PRO C 33 9.57 -4.31 -2.43
C PRO C 33 10.39 -4.75 -1.21
N SER C 34 11.29 -3.88 -0.77
CA SER C 34 12.17 -4.13 0.37
C SER C 34 11.40 -4.10 1.67
N PHE C 35 11.93 -4.80 2.67
CA PHE C 35 11.44 -4.70 4.03
C PHE C 35 12.47 -5.21 5.01
N GLU C 36 12.48 -4.62 6.19
CA GLU C 36 13.19 -5.18 7.33
C GLU C 36 12.25 -5.08 8.51
N GLU C 37 11.84 -6.22 9.05
CA GLU C 37 10.82 -6.26 10.09
C GLU C 37 11.03 -7.41 11.08
N VAL C 38 10.53 -7.22 12.30
CA VAL C 38 10.55 -8.26 13.32
C VAL C 38 9.74 -9.45 12.83
N ALA C 39 10.23 -10.65 13.12
CA ALA C 39 9.50 -11.88 12.83
C ALA C 39 9.64 -12.88 13.97
N LEU C 40 8.62 -13.72 14.13
CA LEU C 40 8.71 -14.85 15.03
C LEU C 40 9.46 -15.99 14.35
N MET C 41 10.62 -16.33 14.90
CA MET C 41 11.45 -17.39 14.35
C MET C 41 10.88 -18.75 14.72
N PRO C 42 11.19 -19.79 13.93
CA PRO C 42 10.74 -21.14 14.24
C PRO C 42 11.09 -21.60 15.66
N ASN C 43 12.21 -21.11 16.21
CA ASN C 43 12.65 -21.50 17.55
C ASN C 43 11.92 -20.77 18.67
N GLY C 44 11.18 -19.73 18.32
CA GLY C 44 10.37 -18.99 19.30
C GLY C 44 10.90 -17.63 19.65
N SER C 45 12.04 -17.25 19.06
CA SER C 45 12.63 -15.94 19.31
C SER C 45 12.14 -14.88 18.32
N PHE C 46 12.32 -13.61 18.69
CA PHE C 46 12.05 -12.51 17.78
C PHE C 46 13.35 -12.10 17.09
N LYS C 47 13.25 -11.77 15.81
CA LYS C 47 14.42 -11.40 15.02
C LYS C 47 14.04 -10.49 13.87
N LYS C 48 14.89 -9.50 13.60
CA LYS C 48 14.74 -8.64 12.45
C LYS C 48 15.10 -9.44 11.20
N ILE C 49 14.26 -9.37 10.18
CA ILE C 49 14.51 -10.06 8.92
C ILE C 49 14.35 -9.09 7.76
N SER C 50 15.37 -9.04 6.91
CA SER C 50 15.32 -8.23 5.70
C SER C 50 15.13 -9.13 4.48
N LEU C 51 14.45 -8.61 3.45
CA LEU C 51 14.26 -9.37 2.21
C LEU C 51 15.60 -9.67 1.57
N SER C 52 16.48 -8.68 1.55
CA SER C 52 17.78 -8.79 0.90
C SER C 52 18.68 -9.87 1.52
N SER C 53 18.40 -10.26 2.76
CA SER C 53 19.15 -11.34 3.40
C SER C 53 18.89 -12.69 2.73
N TYR C 54 17.89 -12.73 1.86
CA TYR C 54 17.54 -13.96 1.13
C TYR C 54 18.15 -14.00 -0.27
N LYS C 55 18.88 -12.95 -0.63
CA LYS C 55 19.54 -12.87 -1.93
C LYS C 55 20.36 -14.14 -2.12
N GLY C 56 20.22 -14.78 -3.27
CA GLY C 56 20.87 -16.05 -3.54
C GLY C 56 19.92 -17.22 -3.37
N LYS C 57 18.75 -16.95 -2.79
CA LYS C 57 17.71 -17.96 -2.65
C LYS C 57 16.39 -17.48 -3.24
N TRP C 58 15.56 -18.43 -3.65
CA TRP C 58 14.17 -18.16 -3.97
C TRP C 58 13.40 -17.92 -2.68
N VAL C 59 12.37 -17.09 -2.75
CA VAL C 59 11.53 -16.81 -1.59
C VAL C 59 10.06 -16.90 -1.95
N VAL C 60 9.30 -17.65 -1.15
CA VAL C 60 7.85 -17.56 -1.21
C VAL C 60 7.40 -16.74 -0.01
N LEU C 61 7.03 -15.50 -0.27
CA LEU C 61 6.47 -14.64 0.74
C LEU C 61 4.95 -14.68 0.63
N PHE C 62 4.28 -15.03 1.71
CA PHE C 62 2.83 -15.08 1.68
C PHE C 62 2.17 -14.43 2.89
N PHE C 63 1.09 -13.69 2.62
CA PHE C 63 0.36 -12.95 3.63
C PHE C 63 -0.90 -13.73 4.02
N TYR C 64 -1.37 -13.48 5.23
CA TYR C 64 -2.68 -13.93 5.67
C TYR C 64 -3.32 -12.82 6.53
N PRO C 65 -4.67 -12.84 6.67
CA PRO C 65 -5.36 -11.72 7.31
C PRO C 65 -5.05 -11.55 8.79
N LEU C 66 -5.48 -12.50 9.62
CA LEU C 66 -5.39 -12.36 11.07
C LEU C 66 -5.05 -13.63 11.82
N ASP C 67 -4.32 -13.48 12.91
CA ASP C 67 -4.10 -14.56 13.86
C ASP C 67 -5.38 -14.83 14.63
N PHE C 68 -5.52 -16.07 15.12
CA PHE C 68 -6.63 -16.49 15.98
C PHE C 68 -8.00 -16.46 15.30
N THR C 69 -8.03 -16.43 13.97
CA THR C 69 -9.29 -16.44 13.23
C THR C 69 -10.10 -17.69 13.56
N PHE C 70 -11.44 -17.55 13.56
CA PHE C 70 -12.34 -18.70 13.75
C PHE C 70 -12.17 -19.70 12.58
N VAL C 71 -11.58 -19.20 11.50
CA VAL C 71 -11.06 -20.04 10.42
C VAL C 71 -9.82 -20.80 10.91
N CYS C 72 -9.96 -22.11 11.08
CA CYS C 72 -8.82 -22.99 11.33
C CYS C 72 -7.65 -22.62 10.41
N PRO C 73 -6.41 -22.65 10.93
CA PRO C 73 -5.26 -22.17 10.14
C PRO C 73 -4.58 -23.24 9.27
N THR C 74 -5.37 -24.08 8.59
CA THR C 74 -4.80 -25.17 7.79
C THR C 74 -3.80 -24.65 6.75
N GLU C 75 -4.11 -23.49 6.16
CA GLU C 75 -3.30 -22.92 5.08
C GLU C 75 -1.87 -22.57 5.52
N VAL C 76 -1.75 -21.78 6.59
CA VAL C 76 -0.45 -21.41 7.13
C VAL C 76 0.30 -22.67 7.55
N ILE C 77 -0.41 -23.58 8.23
CA ILE C 77 0.18 -24.84 8.67
C ILE C 77 0.68 -25.67 7.49
N ALA C 78 -0.12 -25.72 6.43
CA ALA C 78 0.22 -26.48 5.22
C ALA C 78 1.60 -26.08 4.66
N PHE C 79 1.86 -24.79 4.63
CA PHE C 79 3.15 -24.28 4.17
C PHE C 79 4.29 -24.60 5.13
N SER C 80 4.03 -24.51 6.43
CA SER C 80 5.01 -24.89 7.44
C SER C 80 5.34 -26.39 7.39
N ASP C 81 4.32 -27.22 7.24
CA ASP C 81 4.53 -28.66 7.13
C ASP C 81 5.32 -29.05 5.88
N SER C 82 5.48 -28.12 4.95
CA SER C 82 6.08 -28.44 3.65
C SER C 82 7.38 -27.70 3.35
N VAL C 83 7.93 -27.01 4.33
CA VAL C 83 9.14 -26.20 4.14
C VAL C 83 10.23 -26.94 3.38
N SER C 84 10.51 -28.18 3.77
CA SER C 84 11.63 -28.96 3.21
C SER C 84 11.52 -29.09 1.69
N ARG C 85 10.32 -29.41 1.24
CA ARG C 85 10.00 -29.50 -0.19
C ARG C 85 10.38 -28.20 -0.92
N PHE C 86 10.13 -27.07 -0.27
CA PHE C 86 10.57 -25.78 -0.78
C PHE C 86 12.08 -25.63 -0.65
N ASN C 87 12.62 -26.04 0.50
CA ASN C 87 14.05 -25.91 0.80
C ASN C 87 14.91 -26.67 -0.19
N GLU C 88 14.50 -27.91 -0.48
CA GLU C 88 15.16 -28.75 -1.48
C GLU C 88 15.26 -28.06 -2.83
N LEU C 89 14.36 -27.11 -3.07
CA LEU C 89 14.35 -26.35 -4.31
C LEU C 89 14.98 -24.97 -4.11
N ASN C 90 15.92 -24.90 -3.17
CA ASN C 90 16.62 -23.66 -2.82
C ASN C 90 15.65 -22.48 -2.62
N CYS C 91 14.53 -22.77 -1.95
CA CYS C 91 13.51 -21.77 -1.72
C CYS C 91 13.16 -21.68 -0.24
N GLU C 92 13.22 -20.46 0.28
CA GLU C 92 12.83 -20.20 1.65
C GLU C 92 11.39 -19.71 1.65
N VAL C 93 10.63 -20.05 2.69
CA VAL C 93 9.24 -19.57 2.79
C VAL C 93 9.00 -18.68 4.02
N LEU C 94 8.26 -17.61 3.80
CA LEU C 94 8.08 -16.56 4.79
C LEU C 94 6.62 -16.16 4.91
N ALA C 95 6.06 -16.27 6.11
CA ALA C 95 4.68 -15.85 6.35
C ALA C 95 4.64 -14.44 6.88
N CYS C 96 3.48 -13.79 6.76
CA CYS C 96 3.33 -12.41 7.20
C CYS C 96 1.88 -12.06 7.49
N SER C 97 1.70 -11.23 8.53
CA SER C 97 0.40 -10.61 8.83
C SER C 97 0.60 -9.33 9.65
N ILE C 98 -0.48 -8.58 9.81
CA ILE C 98 -0.47 -7.29 10.50
C ILE C 98 -0.42 -7.43 12.03
N ASP C 99 -0.55 -8.66 12.52
CA ASP C 99 -0.48 -8.97 13.94
C ASP C 99 0.92 -8.78 14.50
N SER C 100 0.99 -8.48 15.80
CA SER C 100 2.27 -8.32 16.50
C SER C 100 3.01 -9.65 16.63
N GLU C 101 4.31 -9.56 16.91
CA GLU C 101 5.14 -10.74 17.13
C GLU C 101 4.69 -11.55 18.35
N TYR C 102 4.11 -10.85 19.34
CA TYR C 102 3.58 -11.47 20.54
C TYR C 102 2.30 -12.26 20.25
N ALA C 103 1.46 -11.70 19.38
CA ALA C 103 0.29 -12.40 18.89
C ALA C 103 0.71 -13.68 18.16
N HIS C 104 1.68 -13.55 17.25
CA HIS C 104 2.25 -14.70 16.57
C HIS C 104 2.70 -15.76 17.54
N LEU C 105 3.52 -15.34 18.51
CA LEU C 105 4.08 -16.25 19.51
C LEU C 105 2.98 -16.97 20.27
N GLN C 106 1.98 -16.22 20.69
CA GLN C 106 0.87 -16.78 21.44
C GLN C 106 0.12 -17.85 20.65
N TRP C 107 0.01 -17.64 19.34
CA TRP C 107 -0.71 -18.56 18.46
C TRP C 107 0.03 -19.86 18.30
N THR C 108 1.36 -19.79 18.33
CA THR C 108 2.19 -20.98 18.22
C THR C 108 2.23 -21.78 19.52
N LEU C 109 2.06 -21.08 20.64
CA LEU C 109 1.97 -21.72 21.96
C LEU C 109 0.62 -22.42 22.15
N GLN C 110 -0.36 -22.00 21.36
CA GLN C 110 -1.68 -22.61 21.39
C GLN C 110 -1.66 -23.95 20.66
N ASP C 111 -2.42 -24.91 21.17
CA ASP C 111 -2.44 -26.28 20.65
C ASP C 111 -3.11 -26.33 19.29
N ARG C 112 -2.48 -27.05 18.36
CA ARG C 112 -2.97 -27.18 16.99
C ARG C 112 -4.37 -27.79 16.94
N LYS C 113 -4.63 -28.75 17.84
CA LYS C 113 -5.95 -29.39 17.96
C LYS C 113 -7.03 -28.39 18.39
N LYS C 114 -6.61 -27.38 19.13
CA LYS C 114 -7.52 -26.44 19.75
C LYS C 114 -7.72 -25.20 18.88
N GLY C 115 -7.32 -25.30 17.62
CA GLY C 115 -7.47 -24.18 16.71
C GLY C 115 -6.27 -23.27 16.70
N GLY C 116 -5.23 -23.71 17.38
CA GLY C 116 -3.97 -22.98 17.40
C GLY C 116 -3.05 -23.32 16.24
N LEU C 117 -1.86 -22.74 16.27
CA LEU C 117 -0.91 -22.87 15.19
C LEU C 117 0.14 -23.95 15.46
N GLY C 118 0.57 -24.06 16.72
CA GLY C 118 1.64 -24.99 17.10
C GLY C 118 3.01 -24.49 16.65
N THR C 119 4.05 -25.27 16.91
CA THR C 119 5.42 -24.94 16.49
C THR C 119 5.45 -24.79 14.97
N MET C 120 6.04 -23.70 14.52
CA MET C 120 6.14 -23.43 13.09
C MET C 120 7.54 -23.66 12.60
N ALA C 121 7.66 -24.11 11.36
CA ALA C 121 8.95 -24.35 10.75
C ALA C 121 9.39 -23.17 9.86
N ILE C 122 8.54 -22.14 9.80
CA ILE C 122 8.84 -20.94 9.02
C ILE C 122 8.75 -19.69 9.90
N PRO C 123 9.50 -18.63 9.55
CA PRO C 123 9.33 -17.36 10.25
C PRO C 123 8.00 -16.69 9.89
N ILE C 124 7.45 -15.91 10.82
CA ILE C 124 6.24 -15.15 10.56
C ILE C 124 6.48 -13.67 10.84
N LEU C 125 6.48 -12.86 9.79
CA LEU C 125 6.68 -11.43 9.91
C LEU C 125 5.54 -10.74 10.64
N ALA C 126 5.90 -9.79 11.50
CA ALA C 126 4.92 -8.98 12.22
C ALA C 126 4.83 -7.59 11.59
N ASP C 127 4.02 -7.49 10.55
CA ASP C 127 3.85 -6.24 9.79
C ASP C 127 2.97 -5.25 10.57
N LYS C 128 3.46 -4.79 11.72
CA LYS C 128 2.71 -3.90 12.62
C LYS C 128 2.37 -2.53 12.03
N THR C 129 3.16 -2.05 11.07
CA THR C 129 2.90 -0.77 10.41
C THR C 129 1.98 -0.95 9.22
N LYS C 130 1.80 -2.21 8.82
CA LYS C 130 1.03 -2.60 7.62
C LYS C 130 1.72 -2.18 6.33
N ASN C 131 2.95 -1.70 6.43
CA ASN C 131 3.66 -1.17 5.27
C ASN C 131 4.12 -2.22 4.28
N ILE C 132 4.45 -3.40 4.79
CA ILE C 132 4.83 -4.51 3.91
C ILE C 132 3.63 -4.93 3.05
N ALA C 133 2.49 -5.13 3.70
CA ALA C 133 1.23 -5.38 3.00
C ALA C 133 0.94 -4.28 1.97
N ARG C 134 1.12 -3.03 2.38
CA ARG C 134 0.93 -1.89 1.48
C ARG C 134 1.82 -1.95 0.25
N SER C 135 3.11 -2.16 0.46
CA SER C 135 4.05 -2.15 -0.65
C SER C 135 3.80 -3.33 -1.59
N TYR C 136 3.28 -4.44 -1.06
CA TYR C 136 2.93 -5.58 -1.90
C TYR C 136 1.52 -5.48 -2.44
N GLY C 137 0.84 -4.40 -2.09
CA GLY C 137 -0.48 -4.07 -2.62
C GLY C 137 -1.56 -5.07 -2.27
N VAL C 138 -1.51 -5.60 -1.04
CA VAL C 138 -2.45 -6.63 -0.60
C VAL C 138 -3.26 -6.21 0.64
N LEU C 139 -3.05 -4.97 1.07
CA LEU C 139 -3.73 -4.45 2.26
C LEU C 139 -5.16 -4.07 1.93
N GLU C 140 -6.11 -4.64 2.67
CA GLU C 140 -7.48 -4.15 2.66
C GLU C 140 -7.58 -2.97 3.62
N GLU C 141 -7.60 -1.77 3.06
CA GLU C 141 -7.49 -0.52 3.84
C GLU C 141 -8.61 -0.33 4.85
N SER C 142 -9.82 -0.76 4.49
CA SER C 142 -10.98 -0.59 5.37
C SER C 142 -10.95 -1.51 6.57
N GLN C 143 -10.41 -2.72 6.38
CA GLN C 143 -10.29 -3.71 7.44
C GLN C 143 -8.99 -3.58 8.22
N GLY C 144 -7.94 -3.09 7.56
CA GLY C 144 -6.61 -3.00 8.15
C GLY C 144 -5.86 -4.32 8.14
N VAL C 145 -6.32 -5.26 7.30
CA VAL C 145 -5.72 -6.59 7.21
C VAL C 145 -5.34 -6.92 5.77
N ALA C 146 -4.47 -7.91 5.59
CA ALA C 146 -3.98 -8.26 4.26
C ALA C 146 -4.79 -9.39 3.65
N TYR C 147 -4.95 -9.33 2.33
CA TYR C 147 -5.53 -10.42 1.56
C TYR C 147 -4.55 -11.58 1.50
N ARG C 148 -5.05 -12.74 1.08
CA ARG C 148 -4.21 -13.94 0.96
C ARG C 148 -3.33 -13.84 -0.28
N GLY C 149 -2.37 -12.93 -0.22
CA GLY C 149 -1.41 -12.73 -1.30
C GLY C 149 -0.17 -13.59 -1.12
N LEU C 150 0.36 -14.06 -2.24
CA LEU C 150 1.58 -14.87 -2.23
C LEU C 150 2.47 -14.42 -3.39
N PHE C 151 3.75 -14.31 -3.10
CA PHE C 151 4.70 -13.76 -4.06
C PHE C 151 5.92 -14.65 -4.17
N ILE C 152 6.29 -14.97 -5.41
CA ILE C 152 7.50 -15.74 -5.65
C ILE C 152 8.61 -14.79 -6.08
N ILE C 153 9.72 -14.83 -5.34
CA ILE C 153 10.85 -13.94 -5.58
C ILE C 153 12.08 -14.79 -5.88
N ASP C 154 12.84 -14.42 -6.93
CA ASP C 154 14.01 -15.18 -7.35
C ASP C 154 15.27 -14.82 -6.55
N PRO C 155 16.37 -15.58 -6.73
CA PRO C 155 17.64 -15.31 -6.03
C PRO C 155 18.20 -13.91 -6.26
N HIS C 156 17.77 -13.25 -7.33
CA HIS C 156 18.21 -11.88 -7.62
C HIS C 156 17.34 -10.83 -6.97
N GLY C 157 16.31 -11.28 -6.24
CA GLY C 157 15.39 -10.38 -5.56
C GLY C 157 14.30 -9.82 -6.47
N MET C 158 14.15 -10.43 -7.64
CA MET C 158 13.16 -9.99 -8.62
C MET C 158 11.83 -10.69 -8.39
N LEU C 159 10.76 -9.92 -8.41
CA LEU C 159 9.41 -10.47 -8.29
C LEU C 159 9.05 -11.23 -9.57
N ARG C 160 8.66 -12.50 -9.41
CA ARG C 160 8.47 -13.38 -10.57
C ARG C 160 7.04 -13.87 -10.77
N GLN C 161 6.25 -13.93 -9.70
CA GLN C 161 4.82 -14.23 -9.83
C GLN C 161 3.98 -13.72 -8.67
N ILE C 162 2.74 -13.34 -9.00
CA ILE C 162 1.79 -12.77 -8.04
C ILE C 162 0.53 -13.63 -7.95
N THR C 163 0.20 -14.05 -6.73
CA THR C 163 -1.08 -14.71 -6.46
C THR C 163 -1.77 -13.93 -5.35
N VAL C 164 -3.02 -13.54 -5.59
CA VAL C 164 -3.82 -12.89 -4.55
C VAL C 164 -5.22 -13.51 -4.48
N ASN C 165 -5.55 -14.07 -3.32
CA ASN C 165 -6.88 -14.63 -3.07
C ASN C 165 -7.72 -13.75 -2.15
N ASP C 166 -9.02 -13.68 -2.43
CA ASP C 166 -9.99 -13.12 -1.49
C ASP C 166 -9.93 -13.96 -0.21
N MET C 167 -10.26 -13.33 0.93
CA MET C 167 -10.17 -13.94 2.26
C MET C 167 -10.59 -15.42 2.34
N PRO C 168 -11.80 -15.76 1.86
CA PRO C 168 -12.31 -17.11 2.17
C PRO C 168 -11.72 -18.30 1.38
N VAL C 169 -10.80 -18.04 0.44
CA VAL C 169 -10.25 -19.14 -0.37
C VAL C 169 -8.73 -19.30 -0.21
N GLY C 170 -8.30 -20.52 0.10
CA GLY C 170 -6.89 -20.78 0.35
C GLY C 170 -6.05 -21.01 -0.89
N ARG C 171 -4.73 -20.97 -0.71
CA ARG C 171 -3.76 -21.21 -1.77
C ARG C 171 -3.34 -22.68 -1.76
N SER C 172 -2.61 -23.10 -2.80
CA SER C 172 -2.19 -24.50 -2.90
C SER C 172 -0.67 -24.67 -2.85
N VAL C 173 -0.19 -25.43 -1.86
CA VAL C 173 1.23 -25.73 -1.73
C VAL C 173 1.75 -26.40 -3.00
N GLU C 174 0.97 -27.34 -3.52
CA GLU C 174 1.29 -28.03 -4.78
C GLU C 174 1.52 -27.04 -5.91
N GLU C 175 0.59 -26.10 -6.07
CA GLU C 175 0.65 -25.12 -7.15
C GLU C 175 1.92 -24.27 -7.06
N VAL C 176 2.24 -23.79 -5.87
CA VAL C 176 3.44 -22.96 -5.68
C VAL C 176 4.69 -23.75 -6.04
N LEU C 177 4.72 -25.03 -5.65
CA LEU C 177 5.81 -25.91 -6.01
C LEU C 177 5.87 -26.14 -7.52
N ARG C 178 4.71 -26.23 -8.17
CA ARG C 178 4.63 -26.42 -9.61
C ARG C 178 5.28 -25.25 -10.32
N LEU C 179 4.96 -24.05 -9.86
CA LEU C 179 5.53 -22.83 -10.41
C LEU C 179 7.01 -22.72 -10.16
N LEU C 180 7.43 -23.13 -8.97
CA LEU C 180 8.81 -23.06 -8.56
C LEU C 180 9.69 -23.91 -9.45
N GLU C 181 9.24 -25.13 -9.72
CA GLU C 181 9.97 -26.03 -10.58
C GLU C 181 10.00 -25.50 -11.98
N ALA C 182 8.86 -24.98 -12.42
CA ALA C 182 8.74 -24.42 -13.75
C ALA C 182 9.74 -23.29 -13.95
N PHE C 183 9.82 -22.38 -12.99
CA PHE C 183 10.74 -21.25 -13.06
C PHE C 183 12.20 -21.69 -13.09
N GLN C 184 12.52 -22.66 -12.25
CA GLN C 184 13.88 -23.18 -12.17
C GLN C 184 14.26 -23.99 -13.40
N PHE C 185 13.28 -24.65 -14.01
CA PHE C 185 13.48 -25.39 -15.25
C PHE C 185 13.86 -24.44 -16.40
N VAL C 186 13.27 -23.25 -16.40
CA VAL C 186 13.54 -22.24 -17.42
C VAL C 186 14.97 -21.67 -17.28
N GLU C 187 15.47 -21.56 -16.05
CA GLU C 187 16.86 -21.15 -15.84
C GLU C 187 17.87 -22.26 -16.17
N LYS C 188 17.44 -23.52 -16.05
CA LYS C 188 18.32 -24.68 -16.28
C LYS C 188 17.94 -25.42 -17.56
N ASN D 25 -7.47 0.60 -11.53
CA ASN D 25 -6.78 -0.73 -11.56
C ASN D 25 -7.57 -1.85 -10.88
N ALA D 26 -7.07 -3.08 -11.05
CA ALA D 26 -7.75 -4.27 -10.60
C ALA D 26 -7.54 -4.56 -9.10
N LYS D 27 -8.59 -4.40 -8.32
CA LYS D 27 -8.52 -4.63 -6.87
C LYS D 27 -9.53 -5.68 -6.42
N ILE D 28 -9.11 -6.56 -5.51
CA ILE D 28 -10.00 -7.59 -4.94
C ILE D 28 -11.19 -6.95 -4.24
N ASN D 29 -12.38 -7.47 -4.50
CA ASN D 29 -13.64 -6.97 -3.93
C ASN D 29 -14.05 -5.57 -4.41
N SER D 30 -13.44 -5.11 -5.50
CA SER D 30 -13.90 -3.94 -6.23
C SER D 30 -14.41 -4.42 -7.58
N PRO D 31 -15.31 -3.64 -8.21
CA PRO D 31 -15.74 -4.07 -9.55
C PRO D 31 -14.53 -4.18 -10.47
N ALA D 32 -14.42 -5.31 -11.17
CA ALA D 32 -13.36 -5.52 -12.16
C ALA D 32 -13.44 -4.45 -13.24
N PRO D 33 -12.26 -3.94 -13.68
CA PRO D 33 -12.24 -2.87 -14.68
C PRO D 33 -13.10 -3.19 -15.89
N SER D 34 -13.92 -2.22 -16.29
CA SER D 34 -14.81 -2.35 -17.46
C SER D 34 -14.03 -2.39 -18.76
N PHE D 35 -14.63 -3.00 -19.77
CA PHE D 35 -14.12 -2.94 -21.14
C PHE D 35 -15.22 -3.31 -22.11
N GLU D 36 -15.14 -2.70 -23.29
CA GLU D 36 -15.91 -3.15 -24.43
C GLU D 36 -14.95 -3.13 -25.61
N GLU D 37 -14.69 -4.30 -26.18
CA GLU D 37 -13.68 -4.43 -27.22
C GLU D 37 -14.02 -5.54 -28.22
N VAL D 38 -13.50 -5.40 -29.44
CA VAL D 38 -13.62 -6.41 -30.48
C VAL D 38 -12.96 -7.70 -30.03
N ALA D 39 -13.59 -8.82 -30.32
CA ALA D 39 -13.01 -10.12 -30.06
C ALA D 39 -13.23 -11.09 -31.22
N LEU D 40 -12.33 -12.04 -31.36
CA LEU D 40 -12.55 -13.15 -32.29
C LEU D 40 -13.44 -14.18 -31.62
N MET D 41 -14.63 -14.37 -32.17
CA MET D 41 -15.58 -15.35 -31.65
C MET D 41 -15.18 -16.76 -32.06
N PRO D 42 -15.62 -17.77 -31.29
CA PRO D 42 -15.33 -19.16 -31.62
C PRO D 42 -15.74 -19.58 -33.04
N ASN D 43 -16.77 -18.94 -33.57
CA ASN D 43 -17.24 -19.25 -34.94
C ASN D 43 -16.41 -18.61 -36.04
N GLY D 44 -15.55 -17.66 -35.68
CA GLY D 44 -14.67 -16.99 -36.65
C GLY D 44 -15.05 -15.57 -36.98
N SER D 45 -16.12 -15.06 -36.37
CA SER D 45 -16.56 -13.69 -36.61
C SER D 45 -15.94 -12.72 -35.60
N PHE D 46 -15.98 -11.44 -35.94
CA PHE D 46 -15.59 -10.38 -35.02
C PHE D 46 -16.83 -9.85 -34.32
N LYS D 47 -16.70 -9.54 -33.03
CA LYS D 47 -17.83 -9.05 -32.23
C LYS D 47 -17.34 -8.21 -31.07
N LYS D 48 -18.06 -7.13 -30.79
CA LYS D 48 -17.81 -6.32 -29.62
C LYS D 48 -18.27 -7.10 -28.39
N ILE D 49 -17.44 -7.13 -27.36
CA ILE D 49 -17.78 -7.82 -26.12
C ILE D 49 -17.53 -6.88 -24.95
N SER D 50 -18.53 -6.74 -24.08
CA SER D 50 -18.37 -5.96 -22.86
C SER D 50 -18.30 -6.89 -21.66
N LEU D 51 -17.57 -6.48 -20.63
CA LEU D 51 -17.47 -7.26 -19.40
C LEU D 51 -18.84 -7.42 -18.75
N SER D 52 -19.61 -6.34 -18.76
CA SER D 52 -20.92 -6.32 -18.10
C SER D 52 -21.93 -7.29 -18.72
N SER D 53 -21.70 -7.67 -19.97
CA SER D 53 -22.57 -8.64 -20.63
C SER D 53 -22.47 -10.02 -19.96
N TYR D 54 -21.46 -10.20 -19.10
CA TYR D 54 -21.26 -11.46 -18.38
C TYR D 54 -21.88 -11.46 -17.00
N LYS D 55 -22.51 -10.33 -16.63
CA LYS D 55 -23.13 -10.20 -15.31
C LYS D 55 -24.09 -11.38 -15.15
N GLY D 56 -24.03 -12.04 -14.01
CA GLY D 56 -24.83 -13.24 -13.78
C GLY D 56 -24.02 -14.50 -13.94
N LYS D 57 -22.83 -14.38 -14.51
CA LYS D 57 -21.91 -15.50 -14.66
C LYS D 57 -20.54 -15.17 -14.08
N TRP D 58 -19.82 -16.22 -13.66
CA TRP D 58 -18.40 -16.10 -13.35
C TRP D 58 -17.62 -15.94 -14.63
N VAL D 59 -16.49 -15.25 -14.55
CA VAL D 59 -15.62 -15.04 -15.71
C VAL D 59 -14.18 -15.31 -15.34
N VAL D 60 -13.51 -16.11 -16.16
CA VAL D 60 -12.05 -16.19 -16.10
C VAL D 60 -11.51 -15.41 -17.29
N LEU D 61 -10.99 -14.23 -16.99
CA LEU D 61 -10.33 -13.42 -17.99
C LEU D 61 -8.84 -13.64 -17.87
N PHE D 62 -8.21 -14.04 -18.97
CA PHE D 62 -6.77 -14.27 -18.93
C PHE D 62 -6.03 -13.67 -20.14
N PHE D 63 -4.88 -13.08 -19.83
CA PHE D 63 -4.06 -12.42 -20.83
C PHE D 63 -2.91 -13.33 -21.24
N TYR D 64 -2.41 -13.11 -22.45
CA TYR D 64 -1.14 -13.69 -22.89
C TYR D 64 -0.39 -12.65 -23.72
N PRO D 65 0.95 -12.79 -23.85
CA PRO D 65 1.77 -11.75 -24.48
C PRO D 65 1.48 -11.52 -25.96
N LEU D 66 1.80 -12.51 -26.81
CA LEU D 66 1.75 -12.34 -28.27
C LEU D 66 1.25 -13.56 -29.03
N ASP D 67 0.54 -13.30 -30.14
CA ASP D 67 0.20 -14.35 -31.11
C ASP D 67 1.46 -14.77 -31.86
N PHE D 68 1.45 -16.00 -32.37
CA PHE D 68 2.51 -16.53 -33.24
C PHE D 68 3.87 -16.67 -32.57
N THR D 69 3.89 -16.65 -31.23
CA THR D 69 5.13 -16.83 -30.48
C THR D 69 5.76 -18.19 -30.77
N PHE D 70 7.07 -18.32 -30.57
CA PHE D 70 7.75 -19.60 -30.81
C PHE D 70 7.51 -20.65 -29.72
N VAL D 71 6.81 -20.27 -28.64
CA VAL D 71 6.26 -21.23 -27.68
C VAL D 71 5.00 -21.85 -28.30
N CYS D 72 4.97 -23.18 -28.41
CA CYS D 72 3.74 -23.89 -28.77
C CYS D 72 2.66 -23.46 -27.77
N PRO D 73 1.58 -22.83 -28.27
CA PRO D 73 0.59 -22.11 -27.43
C PRO D 73 -0.26 -23.02 -26.54
N THR D 74 0.37 -24.03 -25.95
CA THR D 74 -0.33 -25.06 -25.19
C THR D 74 -1.27 -24.44 -24.17
N GLU D 75 -0.83 -23.33 -23.57
CA GLU D 75 -1.57 -22.69 -22.48
C GLU D 75 -2.95 -22.16 -22.91
N VAL D 76 -2.98 -21.36 -23.96
CA VAL D 76 -4.23 -20.85 -24.51
C VAL D 76 -5.13 -22.00 -24.96
N ILE D 77 -4.54 -22.96 -25.66
CA ILE D 77 -5.26 -24.16 -26.10
C ILE D 77 -5.84 -24.95 -24.94
N ALA D 78 -5.06 -25.11 -23.87
CA ALA D 78 -5.50 -25.84 -22.67
C ALA D 78 -6.82 -25.29 -22.12
N PHE D 79 -6.92 -23.96 -22.07
CA PHE D 79 -8.13 -23.32 -21.59
C PHE D 79 -9.31 -23.50 -22.55
N SER D 80 -9.02 -23.42 -23.85
CA SER D 80 -10.04 -23.66 -24.87
C SER D 80 -10.54 -25.10 -24.84
N ASP D 81 -9.63 -26.06 -24.69
CA ASP D 81 -10.00 -27.46 -24.62
C ASP D 81 -10.84 -27.78 -23.39
N SER D 82 -10.88 -26.86 -22.43
CA SER D 82 -11.53 -27.13 -21.15
C SER D 82 -12.74 -26.25 -20.83
N VAL D 83 -13.17 -25.43 -21.80
CA VAL D 83 -14.26 -24.48 -21.59
C VAL D 83 -15.40 -25.12 -20.84
N SER D 84 -15.79 -26.29 -21.30
CA SER D 84 -16.93 -26.99 -20.77
C SER D 84 -16.83 -27.14 -19.25
N ARG D 85 -15.64 -27.47 -18.78
CA ARG D 85 -15.40 -27.63 -17.34
C ARG D 85 -15.63 -26.33 -16.58
N PHE D 86 -15.39 -25.20 -17.24
CA PHE D 86 -15.71 -23.90 -16.69
C PHE D 86 -17.19 -23.63 -16.87
N ASN D 87 -17.70 -23.98 -18.06
CA ASN D 87 -19.08 -23.67 -18.43
C ASN D 87 -20.13 -24.29 -17.52
N GLU D 88 -19.92 -25.54 -17.13
CA GLU D 88 -20.86 -26.22 -16.23
C GLU D 88 -20.76 -25.71 -14.79
N LEU D 89 -19.72 -24.93 -14.52
CA LEU D 89 -19.59 -24.25 -13.24
C LEU D 89 -20.04 -22.80 -13.38
N ASN D 90 -20.95 -22.58 -14.33
CA ASN D 90 -21.48 -21.24 -14.63
C ASN D 90 -20.38 -20.20 -14.81
N CYS D 91 -19.31 -20.61 -15.47
CA CYS D 91 -18.18 -19.73 -15.68
C CYS D 91 -17.82 -19.66 -17.16
N GLU D 92 -17.75 -18.43 -17.66
CA GLU D 92 -17.30 -18.18 -19.02
C GLU D 92 -15.81 -17.85 -19.01
N VAL D 93 -15.09 -18.27 -20.05
CA VAL D 93 -13.66 -17.96 -20.13
C VAL D 93 -13.32 -17.08 -21.33
N LEU D 94 -12.46 -16.10 -21.10
CA LEU D 94 -12.15 -15.07 -22.07
C LEU D 94 -10.64 -14.86 -22.18
N ALA D 95 -10.10 -15.01 -23.39
CA ALA D 95 -8.68 -14.76 -23.63
C ALA D 95 -8.47 -13.34 -24.14
N CYS D 96 -7.25 -12.84 -23.99
CA CYS D 96 -6.94 -11.48 -24.41
C CYS D 96 -5.47 -11.28 -24.71
N SER D 97 -5.19 -10.48 -25.74
CA SER D 97 -3.83 -9.99 -26.03
C SER D 97 -3.87 -8.70 -26.84
N ILE D 98 -2.71 -8.06 -26.97
CA ILE D 98 -2.59 -6.76 -27.64
C ILE D 98 -2.63 -6.87 -29.16
N ASP D 99 -2.65 -8.10 -29.66
CA ASP D 99 -2.75 -8.38 -31.09
C ASP D 99 -4.11 -8.03 -31.65
N SER D 100 -4.15 -7.71 -32.95
CA SER D 100 -5.41 -7.38 -33.63
C SER D 100 -6.30 -8.62 -33.78
N GLU D 101 -7.57 -8.37 -34.08
CA GLU D 101 -8.53 -9.44 -34.32
C GLU D 101 -8.16 -10.27 -35.55
N TYR D 102 -7.54 -9.62 -36.54
CA TYR D 102 -7.06 -10.30 -37.75
C TYR D 102 -5.90 -11.23 -37.44
N ALA D 103 -5.00 -10.78 -36.56
CA ALA D 103 -3.92 -11.62 -36.09
C ALA D 103 -4.48 -12.86 -35.40
N HIS D 104 -5.43 -12.63 -34.49
CA HIS D 104 -6.11 -13.73 -33.81
C HIS D 104 -6.68 -14.71 -34.80
N LEU D 105 -7.46 -14.19 -35.75
CA LEU D 105 -8.11 -15.01 -36.77
C LEU D 105 -7.10 -15.85 -37.53
N GLN D 106 -6.01 -15.21 -37.95
CA GLN D 106 -4.96 -15.88 -38.72
C GLN D 106 -4.35 -17.05 -37.96
N TRP D 107 -4.23 -16.89 -36.65
CA TRP D 107 -3.61 -17.89 -35.78
C TRP D 107 -4.48 -19.09 -35.63
N THR D 108 -5.79 -18.87 -35.65
CA THR D 108 -6.76 -19.95 -35.57
C THR D 108 -6.87 -20.69 -36.89
N LEU D 109 -6.63 -20.00 -37.99
CA LEU D 109 -6.62 -20.63 -39.32
C LEU D 109 -5.38 -21.47 -39.52
N GLN D 110 -4.35 -21.19 -38.73
CA GLN D 110 -3.11 -21.94 -38.76
C GLN D 110 -3.30 -23.29 -38.06
N ASP D 111 -2.65 -24.31 -38.60
CA ASP D 111 -2.77 -25.68 -38.10
C ASP D 111 -2.11 -25.83 -36.74
N ARG D 112 -2.82 -26.50 -35.83
CA ARG D 112 -2.35 -26.69 -34.45
C ARG D 112 -1.03 -27.47 -34.41
N LYS D 113 -0.89 -28.43 -35.31
CA LYS D 113 0.31 -29.25 -35.43
C LYS D 113 1.50 -28.40 -35.83
N LYS D 114 1.21 -27.32 -36.54
CA LYS D 114 2.23 -26.46 -37.12
C LYS D 114 2.54 -25.29 -36.22
N GLY D 115 2.11 -25.37 -34.97
CA GLY D 115 2.38 -24.34 -34.00
C GLY D 115 1.31 -23.28 -33.98
N GLY D 116 0.28 -23.51 -34.75
CA GLY D 116 -0.88 -22.63 -34.78
C GLY D 116 -1.84 -22.89 -33.64
N LEU D 117 -2.96 -22.17 -33.66
CA LEU D 117 -3.91 -22.21 -32.58
C LEU D 117 -5.03 -23.22 -32.87
N GLY D 118 -5.32 -23.41 -34.15
CA GLY D 118 -6.44 -24.25 -34.59
C GLY D 118 -7.74 -23.62 -34.15
N THR D 119 -8.83 -24.40 -34.20
CA THR D 119 -10.13 -23.91 -33.77
C THR D 119 -10.13 -23.53 -32.27
N MET D 120 -10.87 -22.47 -31.93
CA MET D 120 -10.95 -22.02 -30.54
C MET D 120 -12.39 -22.03 -30.02
N ALA D 121 -12.57 -22.51 -28.79
CA ALA D 121 -13.90 -22.61 -28.17
C ALA D 121 -14.20 -21.41 -27.26
N ILE D 122 -13.25 -20.47 -27.19
CA ILE D 122 -13.40 -19.26 -26.39
C ILE D 122 -13.15 -18.02 -27.23
N PRO D 123 -13.77 -16.89 -26.86
CA PRO D 123 -13.46 -15.64 -27.55
C PRO D 123 -12.08 -15.13 -27.18
N ILE D 124 -11.44 -14.42 -28.10
CA ILE D 124 -10.14 -13.80 -27.82
C ILE D 124 -10.21 -12.29 -28.08
N LEU D 125 -10.12 -11.50 -27.01
CA LEU D 125 -10.15 -10.05 -27.11
C LEU D 125 -8.93 -9.51 -27.86
N ALA D 126 -9.18 -8.51 -28.70
CA ALA D 126 -8.12 -7.80 -29.40
C ALA D 126 -7.86 -6.44 -28.76
N ASP D 127 -7.03 -6.45 -27.71
CA ASP D 127 -6.72 -5.24 -26.93
C ASP D 127 -5.73 -4.34 -27.69
N LYS D 128 -6.15 -3.88 -28.87
CA LYS D 128 -5.30 -3.11 -29.79
C LYS D 128 -4.76 -1.82 -29.18
N THR D 129 -5.44 -1.30 -28.16
CA THR D 129 -5.09 -0.03 -27.55
C THR D 129 -4.36 -0.25 -26.23
N LYS D 130 -4.22 -1.53 -25.84
CA LYS D 130 -3.52 -1.96 -24.63
C LYS D 130 -4.17 -1.43 -23.34
N ASN D 131 -5.37 -0.87 -23.46
CA ASN D 131 -6.02 -0.29 -22.30
C ASN D 131 -6.60 -1.29 -21.32
N ILE D 132 -7.09 -2.41 -21.84
CA ILE D 132 -7.57 -3.49 -20.99
C ILE D 132 -6.41 -4.05 -20.14
N ALA D 133 -5.27 -4.33 -20.80
CA ALA D 133 -4.08 -4.77 -20.10
C ALA D 133 -3.65 -3.75 -19.05
N ARG D 134 -3.70 -2.47 -19.44
CA ARG D 134 -3.37 -1.38 -18.52
C ARG D 134 -4.27 -1.36 -17.29
N SER D 135 -5.58 -1.39 -17.50
CA SER D 135 -6.53 -1.32 -16.39
C SER D 135 -6.42 -2.54 -15.46
N TYR D 136 -6.04 -3.68 -16.02
CA TYR D 136 -5.80 -4.88 -15.20
C TYR D 136 -4.37 -4.95 -14.65
N GLY D 137 -3.58 -3.94 -14.97
CA GLY D 137 -2.22 -3.77 -14.46
C GLY D 137 -1.27 -4.89 -14.83
N VAL D 138 -1.45 -5.45 -16.02
CA VAL D 138 -0.63 -6.56 -16.49
C VAL D 138 0.27 -6.20 -17.66
N LEU D 139 0.28 -4.94 -18.04
CA LEU D 139 1.01 -4.49 -19.20
C LEU D 139 2.48 -4.27 -18.91
N GLU D 140 3.34 -4.77 -19.77
CA GLU D 140 4.74 -4.42 -19.65
C GLU D 140 4.96 -3.32 -20.65
N GLU D 141 5.12 -2.10 -20.14
CA GLU D 141 5.11 -0.93 -20.98
C GLU D 141 6.24 -0.91 -21.97
N SER D 142 7.43 -1.32 -21.56
CA SER D 142 8.56 -1.32 -22.46
C SER D 142 8.36 -2.28 -23.61
N GLN D 143 7.88 -3.47 -23.31
CA GLN D 143 7.53 -4.47 -24.30
C GLN D 143 6.33 -4.15 -25.18
N GLY D 144 5.29 -3.56 -24.57
CA GLY D 144 4.03 -3.36 -25.25
C GLY D 144 3.13 -4.57 -25.22
N VAL D 145 3.48 -5.54 -24.39
CA VAL D 145 2.76 -6.80 -24.32
C VAL D 145 2.33 -7.08 -22.89
N ALA D 146 1.31 -7.91 -22.73
CA ALA D 146 0.78 -8.23 -21.41
C ALA D 146 1.45 -9.45 -20.81
N TYR D 147 1.62 -9.43 -19.50
CA TYR D 147 2.06 -10.59 -18.74
C TYR D 147 0.97 -11.65 -18.70
N ARG D 148 1.32 -12.84 -18.26
CA ARG D 148 0.36 -13.94 -18.18
C ARG D 148 -0.52 -13.75 -16.95
N GLY D 149 -1.36 -12.73 -17.00
CA GLY D 149 -2.30 -12.44 -15.93
C GLY D 149 -3.62 -13.15 -16.12
N LEU D 150 -4.20 -13.60 -15.02
CA LEU D 150 -5.51 -14.26 -15.03
C LEU D 150 -6.34 -13.72 -13.88
N PHE D 151 -7.61 -13.44 -14.16
CA PHE D 151 -8.49 -12.82 -13.19
C PHE D 151 -9.81 -13.56 -13.09
N ILE D 152 -10.21 -13.88 -11.85
CA ILE D 152 -11.51 -14.51 -11.60
C ILE D 152 -12.52 -13.44 -11.17
N ILE D 153 -13.61 -13.34 -11.91
CA ILE D 153 -14.64 -12.33 -11.68
C ILE D 153 -15.97 -13.02 -11.39
N ASP D 154 -16.66 -12.58 -10.34
CA ASP D 154 -17.92 -13.21 -9.92
C ASP D 154 -19.14 -12.71 -10.72
N PRO D 155 -20.31 -13.35 -10.55
CA PRO D 155 -21.53 -12.92 -11.26
C PRO D 155 -21.92 -11.46 -11.01
N HIS D 156 -21.42 -10.87 -9.93
CA HIS D 156 -21.70 -9.47 -9.61
C HIS D 156 -20.72 -8.52 -10.24
N GLY D 157 -19.76 -9.06 -10.97
CA GLY D 157 -18.74 -8.26 -11.64
C GLY D 157 -17.60 -7.85 -10.73
N MET D 158 -17.53 -8.49 -9.57
CA MET D 158 -16.50 -8.19 -8.57
C MET D 158 -15.26 -9.04 -8.82
N LEU D 159 -14.09 -8.40 -8.79
CA LEU D 159 -12.82 -9.12 -8.92
C LEU D 159 -12.57 -9.93 -7.64
N ARG D 160 -12.30 -11.22 -7.81
CA ARG D 160 -12.22 -12.11 -6.67
C ARG D 160 -10.85 -12.77 -6.48
N GLN D 161 -10.08 -12.90 -7.56
CA GLN D 161 -8.70 -13.39 -7.43
C GLN D 161 -7.77 -12.95 -8.57
N ILE D 162 -6.51 -12.73 -8.23
CA ILE D 162 -5.50 -12.25 -9.18
C ILE D 162 -4.36 -13.25 -9.30
N THR D 163 -4.07 -13.69 -10.52
CA THR D 163 -2.86 -14.47 -10.79
C THR D 163 -2.08 -13.74 -11.87
N VAL D 164 -0.79 -13.52 -11.63
CA VAL D 164 0.09 -12.96 -12.65
C VAL D 164 1.40 -13.74 -12.73
N ASN D 165 1.67 -14.32 -13.90
CA ASN D 165 2.93 -15.02 -14.16
C ASN D 165 3.85 -14.23 -15.05
N ASP D 166 5.15 -14.32 -14.79
CA ASP D 166 6.19 -13.88 -15.72
C ASP D 166 6.03 -14.66 -17.04
N MET D 167 6.44 -14.05 -18.15
CA MET D 167 6.27 -14.63 -19.50
C MET D 167 6.51 -16.13 -19.61
N PRO D 168 7.68 -16.64 -19.14
CA PRO D 168 8.02 -18.02 -19.46
C PRO D 168 7.30 -19.13 -18.69
N VAL D 169 6.42 -18.80 -17.74
CA VAL D 169 5.74 -19.84 -16.96
C VAL D 169 4.22 -19.80 -17.13
N GLY D 170 3.63 -20.95 -17.46
CA GLY D 170 2.20 -21.04 -17.72
C GLY D 170 1.34 -21.22 -16.48
N ARG D 171 0.05 -21.01 -16.65
CA ARG D 171 -0.94 -21.16 -15.57
C ARG D 171 -1.52 -22.56 -15.61
N SER D 172 -2.31 -22.94 -14.59
CA SER D 172 -2.88 -24.28 -14.50
C SER D 172 -4.42 -24.29 -14.55
N VAL D 173 -4.96 -24.95 -15.58
CA VAL D 173 -6.42 -25.07 -15.72
C VAL D 173 -7.01 -25.71 -14.47
N GLU D 174 -6.33 -26.74 -13.96
CA GLU D 174 -6.74 -27.41 -12.74
C GLU D 174 -6.87 -26.43 -11.57
N GLU D 175 -5.83 -25.60 -11.39
CA GLU D 175 -5.80 -24.63 -10.30
C GLU D 175 -6.96 -23.64 -10.37
N VAL D 176 -7.22 -23.12 -11.56
CA VAL D 176 -8.30 -22.14 -11.72
C VAL D 176 -9.64 -22.79 -11.38
N LEU D 177 -9.80 -24.05 -11.78
CA LEU D 177 -10.99 -24.81 -11.44
C LEU D 177 -11.08 -25.05 -9.93
N ARG D 178 -9.96 -25.39 -9.29
CA ARG D 178 -9.86 -25.53 -7.84
C ARG D 178 -10.44 -24.28 -7.17
N LEU D 179 -9.95 -23.13 -7.62
CA LEU D 179 -10.33 -21.83 -7.09
C LEU D 179 -11.80 -21.55 -7.31
N LEU D 180 -12.28 -21.83 -8.52
CA LEU D 180 -13.68 -21.63 -8.86
C LEU D 180 -14.60 -22.39 -7.93
N GLU D 181 -14.32 -23.68 -7.73
CA GLU D 181 -15.14 -24.54 -6.90
C GLU D 181 -15.13 -24.05 -5.47
N ALA D 182 -13.94 -23.65 -5.01
CA ALA D 182 -13.77 -23.11 -3.67
C ALA D 182 -14.63 -21.88 -3.45
N PHE D 183 -14.60 -20.95 -4.42
CA PHE D 183 -15.39 -19.73 -4.33
C PHE D 183 -16.88 -19.99 -4.29
N GLN D 184 -17.32 -20.89 -5.16
CA GLN D 184 -18.72 -21.25 -5.24
C GLN D 184 -19.20 -22.04 -4.01
N PHE D 185 -18.28 -22.82 -3.43
CA PHE D 185 -18.58 -23.55 -2.20
C PHE D 185 -18.86 -22.59 -1.04
N VAL D 186 -18.13 -21.48 -1.01
CA VAL D 186 -18.29 -20.45 0.02
C VAL D 186 -19.66 -19.76 -0.10
N GLU D 187 -20.21 -19.71 -1.31
CA GLU D 187 -21.57 -19.20 -1.52
C GLU D 187 -22.68 -20.18 -1.10
N LYS D 188 -22.30 -21.36 -0.59
CA LYS D 188 -23.27 -22.33 -0.05
C LYS D 188 -22.65 -23.23 1.04
N ASN E 25 7.69 15.38 -32.38
CA ASN E 25 6.78 15.21 -33.56
C ASN E 25 7.50 15.55 -34.89
N ALA E 26 6.94 15.06 -35.99
CA ALA E 26 7.58 15.13 -37.32
C ALA E 26 7.37 16.45 -38.07
N LYS E 27 8.48 17.12 -38.43
CA LYS E 27 8.44 18.42 -39.11
C LYS E 27 9.42 18.50 -40.26
N ILE E 28 9.00 19.10 -41.36
CA ILE E 28 9.87 19.30 -42.53
C ILE E 28 11.09 20.12 -42.16
N ASN E 29 12.26 19.69 -42.62
CA ASN E 29 13.55 20.34 -42.33
C ASN E 29 14.00 20.30 -40.87
N SER E 30 13.36 19.43 -40.09
CA SER E 30 13.86 19.07 -38.76
C SER E 30 14.33 17.62 -38.82
N PRO E 31 15.22 17.23 -37.89
CA PRO E 31 15.61 15.82 -37.89
C PRO E 31 14.38 14.93 -37.72
N ALA E 32 14.24 13.93 -38.58
CA ALA E 32 13.15 12.96 -38.46
C ALA E 32 13.22 12.26 -37.10
N PRO E 33 12.06 12.05 -36.44
CA PRO E 33 12.05 11.42 -35.13
C PRO E 33 12.86 10.11 -35.09
N SER E 34 13.70 10.00 -34.06
CA SER E 34 14.56 8.83 -33.85
C SER E 34 13.76 7.61 -33.48
N PHE E 35 14.33 6.44 -33.76
CA PHE E 35 13.79 5.17 -33.28
C PHE E 35 14.85 4.10 -33.36
N GLU E 36 14.77 3.17 -32.42
CA GLU E 36 15.48 1.91 -32.53
C GLU E 36 14.51 0.82 -32.13
N GLU E 37 14.19 -0.06 -33.08
CA GLU E 37 13.16 -1.07 -32.86
C GLU E 37 13.44 -2.36 -33.62
N VAL E 38 12.88 -3.47 -33.10
CA VAL E 38 12.95 -4.77 -33.76
C VAL E 38 12.26 -4.69 -35.11
N ALA E 39 12.85 -5.35 -36.11
CA ALA E 39 12.23 -5.46 -37.43
C ALA E 39 12.41 -6.86 -38.00
N LEU E 40 11.46 -7.26 -38.84
CA LEU E 40 11.61 -8.48 -39.61
C LEU E 40 12.48 -8.19 -40.82
N MET E 41 13.65 -8.82 -40.87
CA MET E 41 14.57 -8.65 -41.97
C MET E 41 14.11 -9.44 -43.19
N PRO E 42 14.52 -9.03 -44.41
CA PRO E 42 14.18 -9.77 -45.63
C PRO E 42 14.55 -11.25 -45.58
N ASN E 43 15.61 -11.60 -44.86
CA ASN E 43 16.04 -13.00 -44.74
C ASN E 43 15.20 -13.84 -43.77
N GLY E 44 14.37 -13.18 -42.95
CA GLY E 44 13.48 -13.85 -42.01
C GLY E 44 13.91 -13.75 -40.56
N SER E 45 15.02 -13.08 -40.30
CA SER E 45 15.51 -12.89 -38.93
C SER E 45 14.95 -11.60 -38.30
N PHE E 46 15.03 -11.55 -36.97
CA PHE E 46 14.69 -10.34 -36.24
C PHE E 46 15.97 -9.56 -35.97
N LYS E 47 15.88 -8.24 -36.04
CA LYS E 47 17.04 -7.38 -35.85
C LYS E 47 16.61 -5.99 -35.40
N LYS E 48 17.37 -5.42 -34.47
CA LYS E 48 17.16 -4.05 -34.05
C LYS E 48 17.62 -3.13 -35.17
N ILE E 49 16.79 -2.14 -35.51
CA ILE E 49 17.14 -1.16 -36.54
C ILE E 49 16.93 0.25 -35.99
N SER E 50 17.95 1.09 -36.13
CA SER E 50 17.86 2.49 -35.76
C SER E 50 17.77 3.33 -37.01
N LEU E 51 17.07 4.46 -36.92
CA LEU E 51 17.00 5.39 -38.03
C LEU E 51 18.38 5.92 -38.40
N SER E 52 19.20 6.25 -37.40
CA SER E 52 20.51 6.84 -37.62
C SER E 52 21.47 5.92 -38.37
N SER E 53 21.17 4.61 -38.39
CA SER E 53 21.98 3.66 -39.13
C SER E 53 21.86 3.85 -40.64
N TYR E 54 20.90 4.68 -41.05
CA TYR E 54 20.68 4.99 -42.46
C TYR E 54 21.32 6.31 -42.88
N LYS E 55 21.95 7.00 -41.93
CA LYS E 55 22.64 8.24 -42.22
C LYS E 55 23.57 8.01 -43.41
N GLY E 56 23.52 8.91 -44.38
CA GLY E 56 24.30 8.73 -45.60
C GLY E 56 23.47 8.18 -46.75
N LYS E 57 22.26 7.72 -46.42
CA LYS E 57 21.29 7.28 -47.44
C LYS E 57 19.95 7.99 -47.27
N TRP E 58 19.21 8.08 -48.37
CA TRP E 58 17.81 8.46 -48.32
C TRP E 58 17.01 7.31 -47.75
N VAL E 59 15.90 7.63 -47.08
CA VAL E 59 15.03 6.61 -46.52
C VAL E 59 13.57 6.93 -46.84
N VAL E 60 12.86 5.93 -47.35
CA VAL E 60 11.41 6.01 -47.41
C VAL E 60 10.86 5.13 -46.28
N LEU E 61 10.41 5.78 -45.22
CA LEU E 61 9.74 5.09 -44.13
C LEU E 61 8.24 5.19 -44.33
N PHE E 62 7.56 4.04 -44.36
CA PHE E 62 6.12 4.05 -44.55
C PHE E 62 5.37 3.12 -43.62
N PHE E 63 4.25 3.63 -43.10
CA PHE E 63 3.42 2.90 -42.16
C PHE E 63 2.23 2.28 -42.88
N TYR E 64 1.70 1.22 -42.29
CA TYR E 64 0.41 0.67 -42.70
C TYR E 64 -0.33 0.22 -41.43
N PRO E 65 -1.66 0.08 -41.50
CA PRO E 65 -2.45 -0.18 -40.30
C PRO E 65 -2.20 -1.55 -39.65
N LEU E 66 -2.56 -2.64 -40.33
CA LEU E 66 -2.53 -3.97 -39.71
C LEU E 66 -2.09 -5.07 -40.65
N ASP E 67 -1.41 -6.07 -40.10
CA ASP E 67 -1.13 -7.31 -40.81
C ASP E 67 -2.42 -8.13 -40.94
N PHE E 68 -2.45 -8.99 -41.95
CA PHE E 68 -3.55 -9.94 -42.16
C PHE E 68 -4.90 -9.30 -42.47
N THR E 69 -4.90 -8.04 -42.88
CA THR E 69 -6.14 -7.34 -43.23
C THR E 69 -6.81 -8.05 -44.42
N PHE E 70 -8.13 -7.93 -44.58
CA PHE E 70 -8.77 -8.49 -45.79
C PHE E 70 -8.47 -7.67 -47.07
N VAL E 71 -7.80 -6.52 -46.91
CA VAL E 71 -7.17 -5.82 -48.03
C VAL E 71 -6.13 -6.77 -48.63
N CYS E 72 -6.10 -6.86 -49.95
CA CYS E 72 -4.95 -7.48 -50.61
C CYS E 72 -3.78 -6.51 -50.42
N PRO E 73 -2.74 -6.95 -49.68
CA PRO E 73 -1.62 -6.09 -49.28
C PRO E 73 -0.79 -5.60 -50.47
N THR E 74 -1.48 -5.34 -51.59
CA THR E 74 -0.81 -4.95 -52.83
C THR E 74 0.17 -3.80 -52.57
N GLU E 75 -0.22 -2.88 -51.70
CA GLU E 75 0.57 -1.67 -51.42
C GLU E 75 1.95 -1.97 -50.82
N VAL E 76 1.97 -2.74 -49.73
CA VAL E 76 3.23 -3.13 -49.10
C VAL E 76 4.08 -3.94 -50.07
N ILE E 77 3.43 -4.87 -50.78
CA ILE E 77 4.09 -5.69 -51.79
C ILE E 77 4.69 -4.83 -52.91
N ALA E 78 3.93 -3.84 -53.37
CA ALA E 78 4.37 -2.95 -54.43
C ALA E 78 5.71 -2.29 -54.12
N PHE E 79 5.87 -1.84 -52.88
CA PHE E 79 7.12 -1.23 -52.44
C PHE E 79 8.26 -2.23 -52.35
N SER E 80 7.95 -3.44 -51.87
CA SER E 80 8.93 -4.52 -51.81
C SER E 80 9.38 -4.94 -53.21
N ASP E 81 8.44 -5.06 -54.14
CA ASP E 81 8.78 -5.44 -55.52
C ASP E 81 9.64 -4.38 -56.21
N SER E 82 9.75 -3.20 -55.61
CA SER E 82 10.40 -2.08 -56.29
C SER E 82 11.66 -1.58 -55.59
N VAL E 83 12.12 -2.29 -54.57
CA VAL E 83 13.26 -1.84 -53.76
C VAL E 83 14.43 -1.34 -54.59
N SER E 84 14.82 -2.13 -55.59
CA SER E 84 16.03 -1.86 -56.38
C SER E 84 15.96 -0.56 -57.16
N ARG E 85 14.75 -0.14 -57.54
CA ARG E 85 14.57 1.17 -58.18
C ARG E 85 14.93 2.29 -57.21
N PHE E 86 14.56 2.11 -55.95
CA PHE E 86 14.92 3.03 -54.87
C PHE E 86 16.38 2.92 -54.53
N ASN E 87 16.90 1.69 -54.56
CA ASN E 87 18.30 1.42 -54.25
C ASN E 87 19.25 2.09 -55.22
N GLU E 88 18.90 2.04 -56.51
CA GLU E 88 19.66 2.73 -57.57
C GLU E 88 19.71 4.24 -57.36
N LEU E 89 18.81 4.75 -56.51
CA LEU E 89 18.76 6.17 -56.19
C LEU E 89 19.34 6.47 -54.81
N ASN E 90 20.09 5.51 -54.26
CA ASN E 90 20.67 5.60 -52.92
C ASN E 90 19.60 5.78 -51.84
N CYS E 91 18.51 5.04 -51.99
CA CYS E 91 17.40 5.16 -51.06
C CYS E 91 17.01 3.79 -50.55
N GLU E 92 16.94 3.67 -49.23
CA GLU E 92 16.50 2.47 -48.58
C GLU E 92 15.02 2.63 -48.23
N VAL E 93 14.26 1.54 -48.28
CA VAL E 93 12.85 1.59 -47.91
C VAL E 93 12.52 0.71 -46.70
N LEU E 94 11.69 1.26 -45.81
CA LEU E 94 11.40 0.64 -44.53
C LEU E 94 9.90 0.66 -44.24
N ALA E 95 9.32 -0.50 -44.02
CA ALA E 95 7.91 -0.61 -43.66
C ALA E 95 7.75 -0.64 -42.15
N CYS E 96 6.55 -0.31 -41.67
CA CYS E 96 6.26 -0.31 -40.25
C CYS E 96 4.79 -0.50 -39.93
N SER E 97 4.51 -1.22 -38.86
CA SER E 97 3.17 -1.30 -38.27
C SER E 97 3.23 -1.66 -36.78
N ILE E 98 2.09 -1.55 -36.11
CA ILE E 98 1.98 -1.82 -34.67
C ILE E 98 2.00 -3.31 -34.31
N ASP E 99 1.96 -4.15 -35.34
CA ASP E 99 2.00 -5.60 -35.17
C ASP E 99 3.37 -6.07 -34.69
N SER E 100 3.40 -7.20 -33.98
CA SER E 100 4.65 -7.81 -33.52
C SER E 100 5.49 -8.34 -34.67
N GLU E 101 6.77 -8.58 -34.38
CA GLU E 101 7.69 -9.17 -35.35
C GLU E 101 7.27 -10.59 -35.76
N TYR E 102 6.64 -11.31 -34.82
CA TYR E 102 6.12 -12.64 -35.08
C TYR E 102 4.93 -12.60 -36.05
N ALA E 103 4.06 -11.61 -35.86
CA ALA E 103 2.95 -11.37 -36.78
C ALA E 103 3.48 -11.08 -38.19
N HIS E 104 4.47 -10.20 -38.27
CA HIS E 104 5.15 -9.92 -39.53
C HIS E 104 5.65 -11.17 -40.17
N LEU E 105 6.44 -11.94 -39.42
CA LEU E 105 7.01 -13.19 -39.91
C LEU E 105 5.95 -14.13 -40.45
N GLN E 106 4.88 -14.31 -39.69
CA GLN E 106 3.80 -15.20 -40.08
C GLN E 106 3.16 -14.80 -41.39
N TRP E 107 3.08 -13.50 -41.63
CA TRP E 107 2.45 -12.95 -42.82
C TRP E 107 3.28 -13.20 -44.05
N THR E 108 4.60 -13.22 -43.86
CA THR E 108 5.52 -13.48 -44.97
C THR E 108 5.57 -14.97 -45.27
N LEU E 109 5.34 -15.80 -44.27
CA LEU E 109 5.29 -17.25 -44.45
C LEU E 109 4.00 -17.66 -45.16
N GLN E 110 3.00 -16.81 -45.05
CA GLN E 110 1.72 -16.96 -45.73
C GLN E 110 1.80 -16.66 -47.21
N ASP E 111 1.00 -17.37 -48.00
CA ASP E 111 0.97 -17.23 -49.45
C ASP E 111 0.43 -15.89 -49.90
N ARG E 112 1.04 -15.34 -50.94
CA ARG E 112 0.55 -14.12 -51.56
C ARG E 112 -0.83 -14.37 -52.18
N LYS E 113 -0.99 -15.55 -52.76
CA LYS E 113 -2.23 -15.97 -53.39
C LYS E 113 -3.38 -16.04 -52.39
N LYS E 114 -3.05 -16.44 -51.17
CA LYS E 114 -4.03 -16.64 -50.12
C LYS E 114 -4.22 -15.37 -49.33
N GLY E 115 -3.69 -14.28 -49.86
CA GLY E 115 -3.80 -13.00 -49.20
C GLY E 115 -2.60 -12.71 -48.32
N GLY E 116 -1.61 -13.58 -48.38
CA GLY E 116 -0.42 -13.37 -47.57
C GLY E 116 0.54 -12.36 -48.17
N LEU E 117 1.67 -12.20 -47.52
CA LEU E 117 2.66 -11.20 -47.93
C LEU E 117 3.73 -11.80 -48.83
N GLY E 118 3.98 -13.10 -48.67
CA GLY E 118 5.06 -13.76 -49.40
C GLY E 118 6.37 -13.12 -49.01
N THR E 119 7.40 -13.38 -49.79
CA THR E 119 8.73 -12.85 -49.50
C THR E 119 8.75 -11.34 -49.52
N MET E 120 9.53 -10.76 -48.61
CA MET E 120 9.72 -9.31 -48.57
C MET E 120 11.18 -8.97 -48.82
N ALA E 121 11.40 -7.96 -49.63
CA ALA E 121 12.74 -7.46 -49.91
C ALA E 121 13.11 -6.26 -49.04
N ILE E 122 12.19 -5.86 -48.16
CA ILE E 122 12.41 -4.74 -47.25
C ILE E 122 12.18 -5.17 -45.81
N PRO E 123 12.85 -4.50 -44.84
CA PRO E 123 12.57 -4.78 -43.44
C PRO E 123 11.20 -4.22 -43.03
N ILE E 124 10.58 -4.85 -42.03
CA ILE E 124 9.30 -4.36 -41.51
C ILE E 124 9.42 -4.16 -40.00
N LEU E 125 9.38 -2.91 -39.57
CA LEU E 125 9.46 -2.56 -38.16
C LEU E 125 8.25 -3.06 -37.38
N ALA E 126 8.51 -3.56 -36.18
CA ALA E 126 7.45 -3.98 -35.27
C ALA E 126 7.27 -2.92 -34.17
N ASP E 127 6.47 -1.90 -34.47
CA ASP E 127 6.20 -0.79 -33.55
C ASP E 127 5.23 -1.21 -32.44
N LYS E 128 5.67 -2.16 -31.60
CA LYS E 128 4.85 -2.79 -30.57
C LYS E 128 4.35 -1.84 -29.48
N THR E 129 5.07 -0.76 -29.25
CA THR E 129 4.67 0.21 -28.24
C THR E 129 3.89 1.35 -28.86
N LYS E 130 3.86 1.39 -30.20
CA LYS E 130 3.15 2.41 -30.99
C LYS E 130 3.86 3.77 -30.98
N ASN E 131 5.04 3.84 -30.39
CA ASN E 131 5.72 5.12 -30.20
C ASN E 131 6.29 5.72 -31.47
N ILE E 132 6.73 4.88 -32.40
CA ILE E 132 7.21 5.36 -33.70
C ILE E 132 6.04 6.03 -34.44
N ALA E 133 4.90 5.35 -34.50
CA ALA E 133 3.69 5.91 -35.11
C ALA E 133 3.33 7.24 -34.44
N ARG E 134 3.41 7.26 -33.10
CA ARG E 134 3.15 8.47 -32.32
C ARG E 134 4.07 9.62 -32.67
N SER E 135 5.38 9.37 -32.70
CA SER E 135 6.35 10.42 -33.00
C SER E 135 6.22 10.93 -34.44
N TYR E 136 5.79 10.06 -35.35
CA TYR E 136 5.54 10.47 -36.74
C TYR E 136 4.12 11.00 -36.93
N GLY E 137 3.36 11.03 -35.84
CA GLY E 137 2.04 11.63 -35.81
C GLY E 137 1.04 10.99 -36.74
N VAL E 138 1.10 9.66 -36.85
CA VAL E 138 0.23 8.93 -37.76
C VAL E 138 -0.65 7.90 -37.04
N LEU E 139 -0.57 7.88 -35.72
CA LEU E 139 -1.29 6.92 -34.91
C LEU E 139 -2.73 7.35 -34.78
N GLU E 140 -3.65 6.46 -35.13
CA GLU E 140 -5.06 6.62 -34.80
C GLU E 140 -5.27 6.08 -33.38
N GLU E 141 -5.35 6.99 -32.42
CA GLU E 141 -5.38 6.66 -31.00
C GLU E 141 -6.54 5.76 -30.58
N SER E 142 -7.70 5.96 -31.19
CA SER E 142 -8.90 5.19 -30.86
C SER E 142 -8.80 3.74 -31.35
N GLN E 143 -8.17 3.55 -32.51
CA GLN E 143 -8.02 2.21 -33.10
C GLN E 143 -6.75 1.51 -32.62
N GLY E 144 -5.74 2.30 -32.27
CA GLY E 144 -4.42 1.77 -31.89
C GLY E 144 -3.58 1.35 -33.09
N VAL E 145 -3.95 1.85 -34.27
CA VAL E 145 -3.24 1.53 -35.51
C VAL E 145 -2.80 2.80 -36.24
N ALA E 146 -1.83 2.65 -37.15
CA ALA E 146 -1.30 3.79 -37.87
C ALA E 146 -2.01 4.01 -39.21
N TYR E 147 -2.15 5.28 -39.58
CA TYR E 147 -2.60 5.65 -40.90
C TYR E 147 -1.53 5.32 -41.95
N ARG E 148 -1.90 5.38 -43.22
CA ARG E 148 -0.98 5.10 -44.30
C ARG E 148 -0.08 6.32 -44.52
N GLY E 149 0.81 6.56 -43.56
CA GLY E 149 1.78 7.63 -43.63
C GLY E 149 3.06 7.19 -44.29
N LEU E 150 3.67 8.09 -45.06
CA LEU E 150 4.95 7.83 -45.72
C LEU E 150 5.83 9.07 -45.58
N PHE E 151 7.10 8.85 -45.28
CA PHE E 151 8.02 9.93 -44.99
C PHE E 151 9.31 9.76 -45.76
N ILE E 152 9.74 10.83 -46.43
CA ILE E 152 11.01 10.82 -47.13
C ILE E 152 12.06 11.54 -46.29
N ILE E 153 13.14 10.83 -45.99
CA ILE E 153 14.20 11.33 -45.12
C ILE E 153 15.51 11.35 -45.90
N ASP E 154 16.24 12.47 -45.82
CA ASP E 154 17.49 12.62 -46.57
C ASP E 154 18.71 11.99 -45.88
N PRO E 155 19.87 11.92 -46.57
CA PRO E 155 21.09 11.34 -45.98
C PRO E 155 21.53 12.00 -44.68
N HIS E 156 21.06 13.22 -44.44
CA HIS E 156 21.42 13.93 -43.20
C HIS E 156 20.45 13.65 -42.09
N GLY E 157 19.45 12.80 -42.36
CA GLY E 157 18.44 12.45 -41.37
C GLY E 157 17.31 13.47 -41.24
N MET E 158 17.25 14.39 -42.19
CA MET E 158 16.26 15.47 -42.18
C MET E 158 14.98 15.02 -42.88
N LEU E 159 13.84 15.29 -42.25
CA LEU E 159 12.55 14.99 -42.85
C LEU E 159 12.28 15.95 -44.00
N ARG E 160 12.00 15.41 -45.18
CA ARG E 160 11.90 16.23 -46.38
C ARG E 160 10.53 16.25 -47.03
N GLN E 161 9.73 15.21 -46.83
CA GLN E 161 8.34 15.23 -47.28
C GLN E 161 7.41 14.31 -46.48
N ILE E 162 6.16 14.73 -46.33
CA ILE E 162 5.14 14.00 -45.57
C ILE E 162 3.98 13.64 -46.47
N THR E 163 3.63 12.35 -46.50
CA THR E 163 2.40 11.88 -47.13
C THR E 163 1.61 11.07 -46.10
N VAL E 164 0.34 11.41 -45.92
CA VAL E 164 -0.53 10.63 -45.06
C VAL E 164 -1.87 10.38 -45.75
N ASN E 165 -2.21 9.09 -45.91
CA ASN E 165 -3.49 8.68 -46.48
C ASN E 165 -4.40 8.10 -45.42
N ASP E 166 -5.70 8.40 -45.54
CA ASP E 166 -6.73 7.65 -44.82
C ASP E 166 -6.62 6.17 -45.18
N MET E 167 -7.04 5.31 -44.24
CA MET E 167 -6.94 3.85 -44.41
C MET E 167 -7.23 3.30 -45.83
N PRO E 168 -8.40 3.63 -46.41
CA PRO E 168 -8.81 2.91 -47.61
C PRO E 168 -8.09 3.28 -48.93
N VAL E 169 -7.20 4.26 -48.92
CA VAL E 169 -6.53 4.67 -50.16
C VAL E 169 -5.02 4.46 -50.11
N GLY E 170 -4.48 3.79 -51.12
CA GLY E 170 -3.06 3.47 -51.17
C GLY E 170 -2.17 4.59 -51.71
N ARG E 171 -0.87 4.42 -51.50
CA ARG E 171 0.14 5.36 -52.00
C ARG E 171 0.68 4.88 -53.34
N SER E 172 1.48 5.72 -54.01
CA SER E 172 2.00 5.38 -55.34
C SER E 172 3.53 5.28 -55.37
N VAL E 173 4.03 4.10 -55.70
CA VAL E 173 5.47 3.89 -55.83
C VAL E 173 6.06 4.89 -56.82
N GLU E 174 5.37 5.08 -57.95
CA GLU E 174 5.81 6.02 -59.00
CA GLU E 174 5.83 6.01 -58.98
C GLU E 174 5.99 7.42 -58.41
N GLU E 175 4.99 7.86 -57.64
CA GLU E 175 5.00 9.20 -57.05
C GLU E 175 6.18 9.39 -56.11
N VAL E 176 6.43 8.40 -55.26
CA VAL E 176 7.53 8.50 -54.31
C VAL E 176 8.85 8.62 -55.06
N LEU E 177 8.98 7.84 -56.13
CA LEU E 177 10.17 7.90 -56.99
C LEU E 177 10.28 9.25 -57.70
N ARG E 178 9.14 9.78 -58.16
CA ARG E 178 9.08 11.13 -58.75
C ARG E 178 9.70 12.12 -57.77
N LEU E 179 9.25 12.05 -56.52
CA LEU E 179 9.68 12.94 -55.45
C LEU E 179 11.16 12.77 -55.16
N LEU E 180 11.61 11.52 -55.09
CA LEU E 180 13.00 11.22 -54.83
C LEU E 180 13.94 11.85 -55.86
N GLU E 181 13.62 11.65 -57.13
CA GLU E 181 14.43 12.17 -58.23
C GLU E 181 14.45 13.70 -58.20
N ALA E 182 13.29 14.29 -57.93
CA ALA E 182 13.16 15.73 -57.81
C ALA E 182 14.07 16.27 -56.70
N PHE E 183 14.04 15.64 -55.53
CA PHE E 183 14.86 16.07 -54.41
C PHE E 183 16.35 15.97 -54.73
N GLN E 184 16.73 14.87 -55.34
CA GLN E 184 18.13 14.62 -55.70
C GLN E 184 18.61 15.53 -56.82
N PHE E 185 17.69 15.89 -57.72
CA PHE E 185 17.99 16.83 -58.79
C PHE E 185 18.33 18.22 -58.23
N VAL E 186 17.62 18.61 -57.17
CA VAL E 186 17.84 19.90 -56.51
C VAL E 186 19.18 19.94 -55.79
N GLU E 187 19.54 18.82 -55.16
CA GLU E 187 20.81 18.67 -54.46
C GLU E 187 22.02 18.75 -55.41
N LYS E 188 21.83 18.35 -56.67
CA LYS E 188 22.88 18.40 -57.70
C LYS E 188 23.02 19.79 -58.31
#